data_6OAN
#
_entry.id   6OAN
#
_cell.length_a   183.480
_cell.length_b   53.950
_cell.length_c   142.780
_cell.angle_alpha   90.00
_cell.angle_beta   113.74
_cell.angle_gamma   90.00
#
_symmetry.space_group_name_H-M   'C 1 2 1'
#
loop_
_entity.id
_entity.type
_entity.pdbx_description
1 polymer 'Duffy binding surface protein region II'
2 polymer 'Antibody 053054 single chain variable fragment'
3 non-polymer 'SULFATE ION'
4 water water
#
loop_
_entity_poly.entity_id
_entity_poly.type
_entity_poly.pdbx_seq_one_letter_code
_entity_poly.pdbx_strand_id
1 'polypeptide(L)'
;NTVMKNCNYKRKRRERDWDCNTKKDVCIPDRRYQLCMKELTNLVNNTDTNFHRDITFRKLYLKRKLIYDAAVEGDLLLKL
NNYRYNKDFCKDIRWSLGDFGDIIMGTDMEGIGYSKVVENNLRSIFGTDEKAQQRRKQWWNESKAQIWTAMMYSVKKRLK
GNFIWICKLNVAVNIEPQIYRWIREWGRDYVSELPTEVQKLKEKCDGKINYTDKKVCKVPPCQNACKSYDQWITRKKNQW
DVLSNKFISVKNAEKVQTAGIVTPYDILKQELDEFNEVAFENEINKRDGAYIELCVCSVEEAKKNTQEVVTNVDN
;
A,C
2 'polypeptide(L)'
;MVHSQVQLQESGPGLVKPSQTLSLTCNVSGDSINSGDYYWIWIRQPPGKGLEWIGNIYYSGTAYYNPSLKTRLIISIDTS
TNQFSLKVTSVTAADTAIYYCARASTTVVSPWLDPWGQGTLVTVSSAGGGGSGGGGSGGGGSSVTSYELTQPSSVAVAPG
QTARIPCGGDNIESKGVHWYQQKPGQAPVLVVYDDHDRPSGIPERFSGSNSGNTATLTVSRVEAGDEADYYCQVWDTSSE
HPVFGGGTKLTVLGQPKAAPSVTLFP
;
B,D
#
# COMPACT_ATOMS: atom_id res chain seq x y z
N ASN A 6 20.36 13.48 -22.09
CA ASN A 6 20.93 12.29 -22.70
C ASN A 6 22.03 11.68 -21.84
N CYS A 7 21.66 11.14 -20.67
CA CYS A 7 22.61 10.56 -19.73
C CYS A 7 23.68 11.58 -19.32
N ASN A 8 23.23 12.53 -18.51
CA ASN A 8 24.01 13.72 -18.17
C ASN A 8 25.17 13.33 -17.24
N TYR A 9 25.84 14.35 -16.71
CA TYR A 9 27.13 14.19 -16.06
C TYR A 9 27.05 13.78 -14.58
N LYS A 10 25.92 13.22 -14.13
CA LYS A 10 25.89 12.56 -12.82
C LYS A 10 26.22 13.45 -11.63
N ARG A 11 25.27 14.31 -11.22
CA ARG A 11 25.43 15.21 -10.09
C ARG A 11 26.15 14.57 -8.90
N LYS A 12 26.93 15.38 -8.19
CA LYS A 12 27.80 14.95 -7.09
C LYS A 12 27.06 14.10 -6.07
N ARG A 13 27.79 13.24 -5.34
CA ARG A 13 27.18 12.31 -4.39
C ARG A 13 26.31 13.05 -3.39
N ARG A 14 25.05 12.61 -3.27
CA ARG A 14 24.09 13.16 -2.31
C ARG A 14 23.95 14.68 -2.45
N GLU A 15 24.11 15.18 -3.67
CA GLU A 15 23.69 16.56 -3.95
C GLU A 15 22.18 16.72 -3.79
N ARG A 16 21.43 15.65 -4.08
CA ARG A 16 20.00 15.59 -3.81
C ARG A 16 19.72 14.36 -2.96
N ASP A 17 19.02 14.55 -1.86
CA ASP A 17 18.74 13.44 -0.94
C ASP A 17 17.67 12.52 -1.53
N TRP A 18 17.40 11.44 -0.82
CA TRP A 18 16.37 10.50 -1.23
C TRP A 18 15.01 11.18 -1.25
N ASP A 19 14.32 11.11 -2.39
CA ASP A 19 13.02 11.73 -2.57
C ASP A 19 11.91 10.75 -2.21
N CYS A 20 11.11 11.10 -1.22
CA CYS A 20 9.98 10.30 -0.79
C CYS A 20 8.64 10.96 -1.13
N ASN A 21 8.65 12.01 -1.97
CA ASN A 21 7.45 12.79 -2.22
C ASN A 21 6.85 12.57 -3.60
N THR A 22 7.67 12.26 -4.61
CA THR A 22 7.11 12.01 -5.94
C THR A 22 6.28 10.73 -5.96
N LYS A 23 6.86 9.63 -5.48
CA LYS A 23 6.13 8.41 -5.21
C LYS A 23 6.04 8.24 -3.70
N LYS A 24 4.81 8.26 -3.17
CA LYS A 24 4.62 8.42 -1.74
C LYS A 24 4.96 7.17 -0.94
N ASP A 25 4.91 5.99 -1.56
CA ASP A 25 5.16 4.75 -0.84
C ASP A 25 6.61 4.32 -0.83
N VAL A 26 7.50 5.02 -1.56
CA VAL A 26 8.90 4.66 -1.65
C VAL A 26 9.74 5.93 -1.63
N CYS A 27 11.01 5.78 -1.29
CA CYS A 27 11.99 6.85 -1.37
C CYS A 27 12.97 6.49 -2.48
N ILE A 28 13.11 7.39 -3.46
CA ILE A 28 13.88 7.14 -4.67
C ILE A 28 15.21 7.86 -4.56
N PRO A 29 16.33 7.20 -4.80
CA PRO A 29 17.63 7.88 -4.75
C PRO A 29 17.91 8.63 -6.04
N ASP A 30 18.76 9.65 -5.92
CA ASP A 30 19.10 10.46 -7.08
C ASP A 30 19.76 9.64 -8.17
N ARG A 31 20.59 8.65 -7.78
CA ARG A 31 21.24 7.79 -8.76
C ARG A 31 20.23 7.12 -9.67
N ARG A 32 19.14 6.59 -9.10
CA ARG A 32 18.13 5.93 -9.91
C ARG A 32 17.44 6.91 -10.84
N TYR A 33 17.14 8.11 -10.36
CA TYR A 33 16.58 9.14 -11.23
C TYR A 33 17.49 9.44 -12.43
N GLN A 34 18.81 9.39 -12.21
CA GLN A 34 19.78 9.69 -13.24
C GLN A 34 20.24 8.47 -14.03
N LEU A 35 19.64 7.31 -13.80
CA LEU A 35 20.07 6.10 -14.49
C LEU A 35 19.95 6.28 -16.00
N CYS A 36 21.02 5.93 -16.71
CA CYS A 36 21.07 6.15 -18.15
C CYS A 36 20.16 5.16 -18.87
N MET A 37 19.20 5.69 -19.64
CA MET A 37 18.22 4.85 -20.32
C MET A 37 17.94 5.33 -21.73
N LYS A 38 18.86 6.06 -22.36
CA LYS A 38 18.58 6.66 -23.66
C LYS A 38 18.26 5.60 -24.70
N GLU A 39 19.15 4.62 -24.87
CA GLU A 39 18.94 3.59 -25.89
C GLU A 39 17.70 2.76 -25.56
N LEU A 40 17.47 2.48 -24.28
CA LEU A 40 16.23 1.81 -23.89
C LEU A 40 15.01 2.67 -24.19
N THR A 41 15.09 3.97 -23.90
CA THR A 41 13.98 4.87 -24.17
C THR A 41 13.72 4.98 -25.68
N ASN A 42 14.79 5.15 -26.46
CA ASN A 42 14.67 5.36 -27.90
C ASN A 42 14.39 4.08 -28.68
N LEU A 43 14.01 3.00 -28.00
CA LEU A 43 13.69 1.74 -28.69
C LEU A 43 12.38 1.79 -29.47
N VAL A 44 11.73 2.94 -29.61
CA VAL A 44 10.53 3.04 -30.44
C VAL A 44 10.91 3.03 -31.91
N ASP A 54 11.18 -10.84 -35.78
CA ASP A 54 11.95 -11.94 -35.20
C ASP A 54 12.10 -11.74 -33.70
N ILE A 55 11.43 -12.60 -32.92
CA ILE A 55 11.43 -12.46 -31.47
C ILE A 55 12.85 -12.58 -30.92
N THR A 56 13.64 -13.51 -31.46
CA THR A 56 15.01 -13.69 -30.99
C THR A 56 15.88 -12.50 -31.37
N PHE A 57 15.65 -11.92 -32.55
CA PHE A 57 16.49 -10.82 -33.00
C PHE A 57 16.22 -9.54 -32.22
N ARG A 58 14.95 -9.24 -31.95
CA ARG A 58 14.62 -8.02 -31.22
C ARG A 58 15.05 -8.12 -29.77
N LYS A 59 15.11 -9.33 -29.21
CA LYS A 59 15.71 -9.51 -27.89
C LYS A 59 17.20 -9.19 -27.94
N LEU A 60 17.88 -9.59 -29.01
CA LEU A 60 19.28 -9.23 -29.20
C LEU A 60 19.45 -7.72 -29.29
N TYR A 61 18.65 -7.07 -30.14
CA TYR A 61 18.72 -5.62 -30.30
C TYR A 61 18.52 -4.92 -28.96
N LEU A 62 17.60 -5.43 -28.14
CA LEU A 62 17.45 -4.92 -26.77
C LEU A 62 18.75 -5.05 -25.99
N LYS A 63 19.33 -6.25 -25.99
CA LYS A 63 20.59 -6.48 -25.27
C LYS A 63 21.66 -5.48 -25.70
N ARG A 64 21.79 -5.24 -27.01
CA ARG A 64 22.77 -4.28 -27.51
C ARG A 64 22.52 -2.90 -26.92
N LYS A 65 21.27 -2.43 -26.97
CA LYS A 65 20.96 -1.11 -26.45
C LYS A 65 21.15 -1.05 -24.93
N LEU A 66 20.83 -2.15 -24.23
CA LEU A 66 21.08 -2.20 -22.80
C LEU A 66 22.57 -2.14 -22.50
N ILE A 67 23.38 -2.84 -23.29
CA ILE A 67 24.83 -2.78 -23.13
C ILE A 67 25.33 -1.35 -23.29
N TYR A 68 24.82 -0.64 -24.29
CA TYR A 68 25.25 0.74 -24.52
C TYR A 68 24.85 1.65 -23.36
N ASP A 69 23.63 1.50 -22.85
CA ASP A 69 23.23 2.29 -21.69
C ASP A 69 24.04 1.91 -20.46
N ALA A 70 24.32 0.63 -20.28
CA ALA A 70 25.11 0.18 -19.13
C ALA A 70 26.54 0.69 -19.21
N ALA A 71 27.14 0.69 -20.40
CA ALA A 71 28.50 1.16 -20.55
C ALA A 71 28.61 2.65 -20.24
N VAL A 72 27.66 3.45 -20.73
CA VAL A 72 27.64 4.87 -20.40
C VAL A 72 27.44 5.06 -18.90
N GLU A 73 26.46 4.36 -18.33
CA GLU A 73 26.23 4.44 -16.89
C GLU A 73 27.49 4.14 -16.10
N GLY A 74 28.16 3.04 -16.42
CA GLY A 74 29.40 2.72 -15.73
C GLY A 74 30.48 3.77 -15.93
N ASP A 75 30.56 4.32 -17.15
CA ASP A 75 31.54 5.37 -17.43
C ASP A 75 31.29 6.59 -16.55
N LEU A 76 30.04 7.07 -16.52
CA LEU A 76 29.72 8.25 -15.74
C LEU A 76 29.92 8.00 -14.25
N LEU A 77 29.60 6.80 -13.77
CA LEU A 77 29.83 6.47 -12.37
C LEU A 77 31.32 6.47 -12.04
N LEU A 78 32.15 6.03 -12.99
CA LEU A 78 33.60 6.11 -12.80
C LEU A 78 34.05 7.57 -12.74
N LYS A 79 33.52 8.41 -13.63
CA LYS A 79 33.85 9.82 -13.60
C LYS A 79 33.39 10.47 -12.30
N LEU A 80 32.20 10.11 -11.83
CA LEU A 80 31.70 10.62 -10.56
C LEU A 80 32.65 10.29 -9.42
N ASN A 81 33.24 9.08 -9.46
CA ASN A 81 34.20 8.64 -8.46
C ASN A 81 35.62 9.12 -8.76
N ASN A 82 35.77 10.11 -9.63
CA ASN A 82 37.06 10.69 -9.98
C ASN A 82 38.04 9.64 -10.51
N TYR A 83 37.52 8.75 -11.35
CA TYR A 83 38.30 7.73 -12.05
C TYR A 83 39.14 6.87 -11.11
N ARG A 84 38.69 6.70 -9.86
CA ARG A 84 39.34 5.78 -8.93
C ARG A 84 38.60 4.46 -8.97
N TYR A 85 39.30 3.40 -9.35
CA TYR A 85 38.73 2.07 -9.48
C TYR A 85 38.81 1.37 -8.11
N ASN A 86 37.83 1.66 -7.26
CA ASN A 86 37.82 1.18 -5.89
C ASN A 86 36.48 0.51 -5.59
N LYS A 87 36.30 0.08 -4.34
CA LYS A 87 35.08 -0.58 -3.94
C LYS A 87 33.89 0.38 -3.93
N ASP A 88 34.14 1.66 -3.63
CA ASP A 88 33.08 2.67 -3.74
C ASP A 88 32.47 2.67 -5.14
N PHE A 89 33.31 2.52 -6.17
CA PHE A 89 32.82 2.45 -7.53
C PHE A 89 32.03 1.17 -7.77
N CYS A 90 32.51 0.05 -7.24
CA CYS A 90 31.82 -1.23 -7.43
C CYS A 90 30.40 -1.18 -6.87
N LYS A 91 30.23 -0.58 -5.68
CA LYS A 91 28.90 -0.51 -5.07
C LYS A 91 27.93 0.25 -5.98
N ASP A 92 28.36 1.40 -6.52
CA ASP A 92 27.51 2.14 -7.43
C ASP A 92 27.20 1.33 -8.68
N ILE A 93 28.18 0.57 -9.17
CA ILE A 93 27.93 -0.33 -10.29
C ILE A 93 26.97 -1.43 -9.89
N ARG A 94 27.09 -1.94 -8.65
CA ARG A 94 26.17 -2.96 -8.19
C ARG A 94 24.74 -2.44 -8.12
N TRP A 95 24.55 -1.21 -7.62
CA TRP A 95 23.21 -0.65 -7.50
C TRP A 95 22.59 -0.39 -8.86
N SER A 96 23.35 0.24 -9.77
CA SER A 96 22.80 0.56 -11.09
C SER A 96 22.51 -0.69 -11.91
N LEU A 97 23.30 -1.74 -11.74
CA LEU A 97 23.00 -3.01 -12.41
C LEU A 97 21.67 -3.58 -11.92
N GLY A 98 21.46 -3.58 -10.61
CA GLY A 98 20.21 -4.07 -10.06
C GLY A 98 19.00 -3.31 -10.58
N ASP A 99 19.11 -1.99 -10.68
CA ASP A 99 18.01 -1.18 -11.19
C ASP A 99 17.74 -1.50 -12.65
N PHE A 100 18.80 -1.71 -13.44
CA PHE A 100 18.63 -2.21 -14.81
C PHE A 100 17.83 -3.50 -14.82
N GLY A 101 18.14 -4.41 -13.89
CA GLY A 101 17.44 -5.69 -13.86
C GLY A 101 15.98 -5.53 -13.49
N ASP A 102 15.69 -4.73 -12.46
CA ASP A 102 14.31 -4.52 -12.04
C ASP A 102 13.51 -3.80 -13.13
N ILE A 103 14.15 -2.93 -13.89
CA ILE A 103 13.50 -2.33 -15.06
C ILE A 103 13.19 -3.41 -16.09
N ILE A 104 14.21 -4.20 -16.46
CA ILE A 104 14.01 -5.27 -17.43
C ILE A 104 12.97 -6.26 -16.93
N MET A 105 13.10 -6.71 -15.68
CA MET A 105 12.15 -7.67 -15.13
C MET A 105 10.79 -7.06 -14.85
N GLY A 106 10.70 -5.73 -14.76
CA GLY A 106 9.45 -5.06 -14.49
C GLY A 106 9.19 -4.73 -13.04
N THR A 107 10.13 -5.02 -12.15
CA THR A 107 9.96 -4.79 -10.72
C THR A 107 10.61 -3.48 -10.26
N ASP A 108 10.64 -2.48 -11.14
CA ASP A 108 11.22 -1.18 -10.78
C ASP A 108 10.19 -0.35 -10.03
N MET A 109 10.60 0.24 -8.92
CA MET A 109 9.68 0.98 -8.06
C MET A 109 9.53 2.44 -8.44
N GLU A 110 10.30 2.94 -9.42
CA GLU A 110 10.15 4.34 -9.81
C GLU A 110 8.98 4.51 -10.79
N GLY A 111 9.10 3.93 -11.98
CA GLY A 111 8.08 4.03 -13.01
C GLY A 111 7.57 5.43 -13.27
N ILE A 112 8.48 6.38 -13.44
CA ILE A 112 8.11 7.79 -13.62
C ILE A 112 8.66 8.28 -14.96
N GLY A 113 7.80 8.92 -15.74
CA GLY A 113 8.23 9.59 -16.96
C GLY A 113 8.88 8.67 -17.98
N TYR A 114 10.18 8.89 -18.22
CA TYR A 114 10.90 8.08 -19.20
C TYR A 114 10.88 6.60 -18.85
N SER A 115 10.81 6.28 -17.56
CA SER A 115 10.74 4.88 -17.15
C SER A 115 9.43 4.23 -17.58
N LYS A 116 8.37 5.01 -17.76
CA LYS A 116 7.14 4.45 -18.29
C LYS A 116 7.28 4.14 -19.77
N VAL A 117 8.13 4.88 -20.48
CA VAL A 117 8.40 4.59 -21.88
C VAL A 117 9.18 3.28 -22.01
N VAL A 118 10.22 3.10 -21.21
CA VAL A 118 11.03 1.88 -21.30
C VAL A 118 10.19 0.66 -20.96
N GLU A 119 9.21 0.80 -20.06
CA GLU A 119 8.34 -0.32 -19.74
C GLU A 119 7.46 -0.71 -20.91
N ASN A 120 6.85 0.29 -21.56
CA ASN A 120 6.01 0.01 -22.73
C ASN A 120 6.82 -0.56 -23.88
N ASN A 121 8.06 -0.08 -24.07
CA ASN A 121 8.94 -0.70 -25.05
C ASN A 121 9.22 -2.15 -24.70
N LEU A 122 9.46 -2.43 -23.41
CA LEU A 122 9.65 -3.81 -22.97
C LEU A 122 8.37 -4.62 -23.12
N ARG A 123 7.21 -3.99 -22.93
CA ARG A 123 5.94 -4.69 -23.10
C ARG A 123 5.76 -5.17 -24.53
N SER A 124 6.17 -4.34 -25.50
CA SER A 124 6.00 -4.70 -26.91
C SER A 124 6.97 -5.78 -27.35
N ILE A 125 8.11 -5.92 -26.66
CA ILE A 125 9.09 -6.92 -27.04
C ILE A 125 8.72 -8.30 -26.51
N PHE A 126 8.42 -8.38 -25.21
CA PHE A 126 8.15 -9.66 -24.56
C PHE A 126 6.68 -10.02 -24.51
N GLY A 127 5.78 -9.07 -24.71
CA GLY A 127 4.36 -9.34 -24.68
C GLY A 127 3.72 -8.85 -23.40
N THR A 128 2.38 -8.78 -23.43
CA THR A 128 1.60 -8.31 -22.30
C THR A 128 1.00 -9.44 -21.47
N ASP A 129 1.07 -10.68 -21.94
CA ASP A 129 0.41 -11.80 -21.26
C ASP A 129 1.08 -12.08 -19.92
N GLU A 130 0.53 -13.07 -19.21
CA GLU A 130 0.99 -13.34 -17.85
C GLU A 130 2.38 -13.97 -17.85
N LYS A 131 2.65 -14.88 -18.78
CA LYS A 131 3.93 -15.56 -18.82
C LYS A 131 5.04 -14.69 -19.41
N ALA A 132 4.72 -13.48 -19.88
CA ALA A 132 5.74 -12.60 -20.38
C ALA A 132 6.70 -12.18 -19.27
N GLN A 133 6.17 -11.85 -18.09
CA GLN A 133 7.01 -11.42 -16.98
C GLN A 133 8.02 -12.49 -16.57
N GLN A 134 7.67 -13.78 -16.76
CA GLN A 134 8.65 -14.82 -16.49
C GLN A 134 9.70 -14.88 -17.58
N ARG A 135 9.35 -14.49 -18.82
CA ARG A 135 10.34 -14.45 -19.88
C ARG A 135 11.30 -13.28 -19.72
N ARG A 136 10.83 -12.14 -19.19
CA ARG A 136 11.75 -11.04 -18.92
C ARG A 136 12.71 -11.39 -17.80
N LYS A 137 12.27 -12.23 -16.86
CA LYS A 137 13.18 -12.70 -15.81
C LYS A 137 14.23 -13.64 -16.38
N GLN A 138 13.86 -14.46 -17.36
CA GLN A 138 14.81 -15.37 -17.98
C GLN A 138 15.75 -14.66 -18.94
N TRP A 139 15.24 -13.65 -19.67
CA TRP A 139 16.11 -12.85 -20.52
C TRP A 139 17.16 -12.11 -19.71
N TRP A 140 16.77 -11.58 -18.54
CA TRP A 140 17.73 -10.86 -17.70
C TRP A 140 18.79 -11.80 -17.16
N ASN A 141 18.43 -13.05 -16.83
CA ASN A 141 19.39 -13.95 -16.23
C ASN A 141 20.46 -14.39 -17.21
N GLU A 142 20.10 -14.59 -18.47
CA GLU A 142 21.10 -14.95 -19.48
C GLU A 142 21.86 -13.75 -20.00
N SER A 143 21.46 -12.52 -19.63
CA SER A 143 22.11 -11.31 -20.11
C SER A 143 22.80 -10.51 -19.01
N LYS A 144 22.45 -10.72 -17.74
CA LYS A 144 22.88 -9.82 -16.67
C LYS A 144 24.40 -9.75 -16.56
N ALA A 145 25.09 -10.89 -16.75
CA ALA A 145 26.55 -10.89 -16.65
C ALA A 145 27.18 -9.99 -17.71
N GLN A 146 26.70 -10.09 -18.96
CA GLN A 146 27.21 -9.23 -20.01
C GLN A 146 26.90 -7.77 -19.75
N ILE A 147 25.76 -7.47 -19.13
CA ILE A 147 25.41 -6.09 -18.85
C ILE A 147 26.34 -5.52 -17.78
N TRP A 148 26.71 -6.35 -16.80
CA TRP A 148 27.64 -5.89 -15.77
C TRP A 148 29.03 -5.61 -16.35
N THR A 149 29.50 -6.49 -17.26
CA THR A 149 30.81 -6.28 -17.86
C THR A 149 30.85 -4.99 -18.67
N ALA A 150 29.76 -4.68 -19.37
CA ALA A 150 29.67 -3.43 -20.12
C ALA A 150 29.85 -2.22 -19.22
N MET A 151 29.34 -2.27 -17.99
CA MET A 151 29.45 -1.15 -17.07
C MET A 151 30.90 -0.86 -16.68
N MET A 152 31.79 -1.83 -16.79
CA MET A 152 33.20 -1.63 -16.50
C MET A 152 34.05 -1.53 -17.75
N TYR A 153 33.44 -1.40 -18.92
CA TYR A 153 34.22 -1.32 -20.15
C TYR A 153 35.07 -0.06 -20.18
N SER A 154 34.61 1.01 -19.54
CA SER A 154 35.43 2.22 -19.44
C SER A 154 36.66 1.98 -18.58
N VAL A 155 36.52 1.18 -17.51
CA VAL A 155 37.67 0.81 -16.71
C VAL A 155 38.65 0.00 -17.53
N LYS A 156 38.14 -0.92 -18.36
CA LYS A 156 38.99 -1.71 -19.23
C LYS A 156 39.69 -0.84 -20.26
N LYS A 157 39.04 0.23 -20.71
CA LYS A 157 39.65 1.12 -21.70
C LYS A 157 40.73 2.00 -21.10
N ARG A 158 40.65 2.29 -19.80
CA ARG A 158 41.58 3.21 -19.16
C ARG A 158 42.71 2.51 -18.42
N LEU A 159 42.55 1.22 -18.08
CA LEU A 159 43.63 0.50 -17.42
C LEU A 159 44.70 0.19 -18.45
N LYS A 160 45.93 0.67 -18.20
CA LYS A 160 46.99 0.48 -19.18
C LYS A 160 47.32 -1.00 -19.35
N GLY A 161 47.26 -1.77 -18.28
CA GLY A 161 47.59 -3.17 -18.26
C GLY A 161 46.37 -4.07 -18.37
N ASN A 162 46.48 -5.27 -17.81
CA ASN A 162 45.36 -6.22 -17.81
C ASN A 162 44.25 -5.72 -16.90
N PHE A 163 43.10 -6.40 -16.98
CA PHE A 163 41.93 -6.09 -16.16
C PHE A 163 42.01 -6.81 -14.82
N ILE A 164 41.98 -6.05 -13.73
CA ILE A 164 41.88 -6.59 -12.38
C ILE A 164 40.43 -6.42 -11.93
N TRP A 165 39.84 -7.49 -11.41
CA TRP A 165 38.43 -7.49 -11.04
C TRP A 165 38.27 -7.17 -9.55
N ILE A 166 38.49 -5.89 -9.23
CA ILE A 166 38.24 -5.45 -7.86
C ILE A 166 36.75 -5.55 -7.54
N CYS A 167 35.90 -5.36 -8.56
CA CYS A 167 34.49 -5.63 -8.38
C CYS A 167 34.23 -7.12 -8.50
N LYS A 168 33.22 -7.59 -7.79
CA LYS A 168 32.91 -9.02 -7.73
C LYS A 168 31.54 -9.25 -8.35
N LEU A 169 31.48 -10.18 -9.30
CA LEU A 169 30.26 -10.41 -10.07
C LEU A 169 29.13 -10.91 -9.19
N ASN A 170 29.44 -11.80 -8.24
CA ASN A 170 28.39 -12.48 -7.48
C ASN A 170 27.53 -11.50 -6.68
N VAL A 171 28.15 -10.50 -6.05
CA VAL A 171 27.35 -9.56 -5.29
C VAL A 171 26.52 -8.67 -6.22
N ALA A 172 27.04 -8.37 -7.41
CA ALA A 172 26.29 -7.54 -8.34
C ALA A 172 25.24 -8.32 -9.12
N VAL A 173 25.58 -9.53 -9.57
CA VAL A 173 24.68 -10.30 -10.42
C VAL A 173 23.53 -10.95 -9.65
N ASN A 174 23.67 -11.11 -8.33
CA ASN A 174 22.64 -11.75 -7.53
C ASN A 174 21.38 -10.90 -7.49
N ILE A 175 20.24 -11.52 -7.76
CA ILE A 175 18.97 -10.80 -7.81
C ILE A 175 18.43 -10.65 -6.40
N GLU A 176 18.30 -9.41 -5.94
CA GLU A 176 17.60 -9.05 -4.72
C GLU A 176 16.40 -8.20 -5.06
N PRO A 177 15.42 -8.10 -4.16
CA PRO A 177 14.37 -7.10 -4.35
C PRO A 177 14.97 -5.70 -4.34
N GLN A 178 14.38 -4.81 -5.14
CA GLN A 178 14.90 -3.46 -5.26
C GLN A 178 14.97 -2.76 -3.91
N ILE A 179 13.92 -2.92 -3.09
CA ILE A 179 13.88 -2.27 -1.78
C ILE A 179 15.02 -2.77 -0.90
N TYR A 180 15.36 -4.06 -1.01
CA TYR A 180 16.50 -4.60 -0.28
C TYR A 180 17.78 -3.83 -0.61
N ARG A 181 18.12 -3.76 -1.89
CA ARG A 181 19.35 -3.10 -2.30
C ARG A 181 19.32 -1.62 -1.97
N TRP A 182 18.16 -0.97 -2.14
CA TRP A 182 18.07 0.46 -1.85
C TRP A 182 18.28 0.74 -0.38
N ILE A 183 17.91 -0.20 0.50
CA ILE A 183 18.21 -0.03 1.92
C ILE A 183 19.71 -0.17 2.16
N ARG A 184 20.37 -1.09 1.44
CA ARG A 184 21.83 -1.19 1.52
C ARG A 184 22.48 0.13 1.11
N GLU A 185 22.01 0.71 0.01
CA GLU A 185 22.54 1.98 -0.45
C GLU A 185 22.22 3.10 0.52
N TRP A 186 20.97 3.17 0.98
CA TRP A 186 20.57 4.19 1.95
C TRP A 186 21.39 4.09 3.22
N GLY A 187 21.74 2.86 3.62
CA GLY A 187 22.58 2.70 4.80
C GLY A 187 23.95 3.31 4.63
N ARG A 188 24.61 3.02 3.49
CA ARG A 188 25.89 3.63 3.19
C ARG A 188 25.76 5.15 3.08
N ASP A 189 24.66 5.63 2.52
CA ASP A 189 24.44 7.07 2.47
C ASP A 189 24.27 7.66 3.86
N TYR A 190 23.59 6.95 4.75
CA TYR A 190 23.33 7.47 6.08
C TYR A 190 24.61 7.52 6.91
N VAL A 191 25.39 6.42 6.91
CA VAL A 191 26.60 6.37 7.71
C VAL A 191 27.65 7.35 7.23
N SER A 192 27.52 7.88 6.02
CA SER A 192 28.41 8.92 5.53
C SER A 192 27.94 10.31 5.92
N GLU A 193 26.62 10.55 5.87
CA GLU A 193 26.07 11.84 6.26
C GLU A 193 26.11 12.07 7.76
N LEU A 194 26.19 11.00 8.56
CA LEU A 194 26.14 11.18 10.01
C LEU A 194 27.39 11.85 10.54
N PRO A 195 28.62 11.41 10.23
CA PRO A 195 29.80 12.15 10.72
C PRO A 195 29.84 13.58 10.24
N THR A 196 29.44 13.85 9.00
CA THR A 196 29.42 15.21 8.50
C THR A 196 28.44 16.09 9.28
N GLU A 197 27.39 15.48 9.84
CA GLU A 197 26.41 16.24 10.61
C GLU A 197 26.76 16.35 12.08
N VAL A 198 27.31 15.30 12.69
CA VAL A 198 27.71 15.39 14.08
C VAL A 198 28.92 16.30 14.22
N GLN A 199 29.75 16.40 13.18
CA GLN A 199 30.88 17.32 13.22
C GLN A 199 30.46 18.75 12.89
N LYS A 200 29.39 18.93 12.11
CA LYS A 200 28.86 20.27 11.88
C LYS A 200 28.17 20.84 13.11
N LEU A 201 27.98 20.03 14.16
CA LEU A 201 27.44 20.47 15.43
C LEU A 201 28.52 20.58 16.50
N LYS A 202 29.40 19.58 16.61
CA LYS A 202 30.53 19.68 17.52
C LYS A 202 31.48 20.82 17.16
N GLU A 203 31.45 21.28 15.90
CA GLU A 203 32.33 22.35 15.45
C GLU A 203 32.09 23.65 16.21
N CYS A 222 24.51 28.20 17.31
CA CYS A 222 24.30 26.79 17.62
C CYS A 222 22.82 26.45 17.59
N GLN A 223 21.97 27.47 17.67
CA GLN A 223 20.54 27.26 17.51
C GLN A 223 20.18 27.00 16.05
N ASN A 224 21.03 27.42 15.11
CA ASN A 224 20.80 27.10 13.70
C ASN A 224 21.31 25.71 13.35
N ALA A 225 22.48 25.34 13.88
CA ALA A 225 23.04 24.03 13.59
C ALA A 225 22.18 22.91 14.17
N CYS A 226 21.51 23.18 15.31
CA CYS A 226 20.58 22.20 15.85
C CYS A 226 19.25 22.22 15.10
N LYS A 227 18.81 23.40 14.65
CA LYS A 227 17.65 23.47 13.77
C LYS A 227 17.95 22.93 12.38
N SER A 228 19.23 22.76 12.04
CA SER A 228 19.61 22.14 10.77
C SER A 228 19.81 20.65 10.92
N TYR A 229 20.45 20.21 12.00
CA TYR A 229 20.64 18.78 12.23
C TYR A 229 19.29 18.09 12.42
N ASP A 230 18.43 18.66 13.26
CA ASP A 230 17.16 18.03 13.55
C ASP A 230 16.19 18.13 12.38
N GLN A 231 16.50 18.94 11.37
CA GLN A 231 15.78 18.91 10.11
C GLN A 231 16.40 17.94 9.13
N TRP A 232 17.69 17.62 9.29
CA TRP A 232 18.32 16.54 8.54
C TRP A 232 17.91 15.18 9.08
N ILE A 233 17.96 14.99 10.41
CA ILE A 233 17.63 13.70 10.98
C ILE A 233 16.15 13.35 10.77
N THR A 234 15.30 14.37 10.62
CA THR A 234 13.89 14.10 10.30
C THR A 234 13.76 13.54 8.89
N ARG A 235 14.57 14.02 7.95
CA ARG A 235 14.58 13.42 6.62
C ARG A 235 15.00 11.96 6.69
N LYS A 236 16.00 11.67 7.53
CA LYS A 236 16.49 10.30 7.65
C LYS A 236 15.45 9.37 8.25
N LYS A 237 14.73 9.84 9.28
CA LYS A 237 13.67 9.01 9.85
C LYS A 237 12.52 8.83 8.87
N ASN A 238 12.09 9.93 8.24
CA ASN A 238 11.02 9.83 7.25
C ASN A 238 11.40 8.92 6.10
N GLN A 239 12.67 8.96 5.68
CA GLN A 239 13.15 8.05 4.66
C GLN A 239 13.11 6.60 5.14
N TRP A 240 13.69 6.34 6.32
CA TRP A 240 13.74 4.98 6.84
C TRP A 240 12.35 4.42 7.10
N ASP A 241 11.41 5.27 7.51
CA ASP A 241 10.04 4.82 7.73
C ASP A 241 9.40 4.35 6.43
N VAL A 242 9.61 5.09 5.35
CA VAL A 242 9.00 4.74 4.07
C VAL A 242 9.68 3.50 3.48
N LEU A 243 11.00 3.39 3.63
CA LEU A 243 11.71 2.23 3.11
C LEU A 243 11.31 0.97 3.88
N SER A 244 11.35 1.03 5.21
CA SER A 244 11.02 -0.14 6.02
C SER A 244 9.57 -0.56 5.81
N ASN A 245 8.67 0.39 5.52
CA ASN A 245 7.30 0.02 5.19
C ASN A 245 7.21 -0.62 3.81
N LYS A 246 7.96 -0.07 2.84
CA LYS A 246 8.05 -0.72 1.54
C LYS A 246 8.69 -2.09 1.65
N PHE A 247 9.64 -2.24 2.59
CA PHE A 247 10.25 -3.55 2.83
C PHE A 247 9.21 -4.58 3.22
N ILE A 248 8.32 -4.22 4.16
CA ILE A 248 7.35 -5.17 4.67
C ILE A 248 6.41 -5.62 3.56
N SER A 249 5.95 -4.67 2.74
CA SER A 249 5.03 -5.02 1.65
C SER A 249 5.71 -5.89 0.61
N VAL A 250 6.99 -5.65 0.34
CA VAL A 250 7.71 -6.47 -0.64
C VAL A 250 8.03 -7.84 -0.07
N LYS A 251 8.54 -7.89 1.17
CA LYS A 251 8.89 -9.16 1.77
C LYS A 251 7.69 -10.10 1.88
N ASN A 252 6.51 -9.55 2.22
CA ASN A 252 5.34 -10.39 2.42
C ASN A 252 4.71 -10.81 1.09
N ALA A 253 4.49 -9.85 0.20
CA ALA A 253 3.82 -10.11 -1.08
C ALA A 253 4.62 -11.08 -1.95
N ALA A 259 17.23 -15.36 2.83
CA ALA A 259 18.59 -14.87 2.69
C ALA A 259 19.16 -14.39 4.02
N GLY A 260 18.68 -14.98 5.12
CA GLY A 260 19.15 -14.56 6.42
C GLY A 260 18.64 -13.20 6.86
N ILE A 261 17.65 -12.64 6.16
CA ILE A 261 17.10 -11.32 6.45
C ILE A 261 15.61 -11.45 6.68
N VAL A 262 15.16 -11.07 7.88
CA VAL A 262 13.75 -11.06 8.25
C VAL A 262 13.25 -9.64 8.51
N THR A 263 13.98 -8.87 9.31
CA THR A 263 13.65 -7.47 9.56
C THR A 263 14.42 -6.57 8.61
N PRO A 264 13.96 -5.34 8.37
CA PRO A 264 14.73 -4.40 7.53
C PRO A 264 16.04 -3.95 8.17
N TYR A 265 16.23 -4.18 9.47
CA TYR A 265 17.51 -3.86 10.09
C TYR A 265 18.58 -4.89 9.78
N ASP A 266 18.16 -6.13 9.48
CA ASP A 266 19.12 -7.17 9.09
C ASP A 266 19.88 -6.78 7.83
N ILE A 267 19.26 -5.99 6.96
CA ILE A 267 19.95 -5.50 5.78
C ILE A 267 21.11 -4.60 6.16
N LEU A 268 20.88 -3.70 7.13
CA LEU A 268 21.95 -2.80 7.56
C LEU A 268 23.05 -3.53 8.31
N LYS A 269 22.71 -4.56 9.08
CA LYS A 269 23.74 -5.37 9.74
C LYS A 269 24.64 -6.06 8.72
N GLN A 270 24.06 -6.53 7.61
CA GLN A 270 24.86 -7.18 6.58
C GLN A 270 25.76 -6.17 5.89
N GLU A 271 25.19 -5.05 5.42
CA GLU A 271 25.89 -4.14 4.54
C GLU A 271 26.91 -3.26 5.26
N LEU A 272 26.66 -2.91 6.52
CA LEU A 272 27.42 -1.86 7.18
C LEU A 272 28.47 -2.42 8.14
N ASP A 273 29.44 -1.56 8.45
CA ASP A 273 30.58 -1.93 9.30
C ASP A 273 30.17 -1.77 10.77
N GLU A 274 30.05 -2.90 11.46
CA GLU A 274 29.69 -2.95 12.89
C GLU A 274 28.49 -2.06 13.18
N PHE A 275 27.36 -2.40 12.55
CA PHE A 275 26.14 -1.62 12.68
C PHE A 275 25.36 -2.07 13.90
N ASN A 276 25.09 -1.14 14.80
CA ASN A 276 24.27 -1.39 15.98
C ASN A 276 22.88 -0.81 15.77
N GLU A 277 21.86 -1.66 15.77
CA GLU A 277 20.50 -1.19 15.51
C GLU A 277 20.00 -0.28 16.62
N VAL A 278 20.45 -0.50 17.85
CA VAL A 278 20.02 0.33 18.97
C VAL A 278 20.45 1.77 18.76
N ALA A 279 21.74 1.98 18.49
CA ALA A 279 22.23 3.33 18.24
C ALA A 279 21.52 3.97 17.05
N PHE A 280 21.16 3.17 16.05
CA PHE A 280 20.51 3.71 14.86
C PHE A 280 19.12 4.25 15.19
N GLU A 281 18.30 3.45 15.88
CA GLU A 281 16.97 3.93 16.27
C GLU A 281 17.06 5.14 17.20
N ASN A 282 18.11 5.20 18.03
CA ASN A 282 18.32 6.38 18.87
C ASN A 282 18.61 7.60 18.01
N GLU A 283 19.57 7.48 17.09
CA GLU A 283 19.94 8.59 16.21
C GLU A 283 18.73 9.13 15.46
N ILE A 284 17.97 8.25 14.80
CA ILE A 284 16.85 8.70 13.99
C ILE A 284 15.69 9.22 14.84
N ASN A 285 15.63 8.84 16.12
CA ASN A 285 14.61 9.34 17.04
C ASN A 285 15.16 10.44 17.96
N LYS A 286 16.35 10.97 17.65
CA LYS A 286 16.97 12.07 18.39
C LYS A 286 17.20 11.72 19.86
N ARG A 287 17.29 10.42 20.17
CA ARG A 287 17.59 9.96 21.51
C ARG A 287 19.08 9.67 21.73
N ASP A 288 19.89 9.57 20.67
CA ASP A 288 21.27 9.13 20.83
C ASP A 288 22.02 9.96 21.87
N GLY A 289 22.98 9.32 22.54
CA GLY A 289 23.76 9.99 23.57
C GLY A 289 24.89 10.83 23.04
N ALA A 290 24.67 11.47 21.92
CA ALA A 290 25.59 12.42 21.28
C ALA A 290 24.85 13.70 20.96
N TYR A 291 23.63 13.58 20.47
CA TYR A 291 22.77 14.71 20.14
C TYR A 291 22.23 15.35 21.40
N VAL B 6 39.12 -21.70 -33.67
CA VAL B 6 37.93 -21.56 -34.50
C VAL B 6 38.33 -21.01 -35.87
N GLN B 7 37.85 -21.66 -36.93
CA GLN B 7 38.29 -21.33 -38.29
C GLN B 7 37.12 -21.19 -39.24
N LEU B 8 37.09 -20.07 -39.96
CA LEU B 8 36.12 -19.81 -41.02
C LEU B 8 36.81 -19.95 -42.36
N GLN B 9 36.03 -20.21 -43.41
CA GLN B 9 36.58 -20.24 -44.75
C GLN B 9 35.50 -20.06 -45.79
N GLU B 10 35.73 -19.12 -46.70
CA GLU B 10 34.85 -18.90 -47.83
C GLU B 10 35.10 -19.93 -48.92
N SER B 11 34.10 -20.12 -49.76
CA SER B 11 34.22 -20.97 -50.93
C SER B 11 33.31 -20.42 -52.02
N GLY B 12 33.86 -20.17 -53.20
CA GLY B 12 33.09 -19.58 -54.27
C GLY B 12 33.69 -19.82 -55.64
N PRO B 13 33.02 -19.31 -56.67
CA PRO B 13 33.43 -19.62 -58.05
C PRO B 13 34.79 -19.05 -58.42
N GLY B 14 35.10 -17.84 -57.99
CA GLY B 14 36.29 -17.13 -58.41
C GLY B 14 36.11 -16.35 -59.70
N LEU B 15 35.27 -16.84 -60.61
CA LEU B 15 34.92 -16.12 -61.83
C LEU B 15 33.42 -16.28 -62.05
N VAL B 16 32.74 -15.18 -62.35
CA VAL B 16 31.28 -15.15 -62.46
C VAL B 16 30.88 -14.32 -63.66
N LYS B 17 29.93 -14.83 -64.44
CA LYS B 17 29.42 -14.09 -65.58
C LYS B 17 28.65 -12.87 -65.09
N PRO B 18 28.78 -11.72 -65.76
CA PRO B 18 28.30 -10.45 -65.18
C PRO B 18 26.83 -10.42 -64.77
N SER B 19 25.90 -10.63 -65.71
CA SER B 19 24.49 -10.51 -65.38
C SER B 19 24.01 -11.58 -64.41
N GLN B 20 24.84 -12.54 -64.04
CA GLN B 20 24.45 -13.61 -63.14
C GLN B 20 24.56 -13.18 -61.68
N THR B 21 24.42 -14.15 -60.78
CA THR B 21 24.41 -13.92 -59.33
C THR B 21 25.53 -14.71 -58.68
N LEU B 22 26.34 -14.02 -57.88
CA LEU B 22 27.45 -14.65 -57.16
C LEU B 22 26.97 -15.34 -55.90
N SER B 23 27.51 -16.53 -55.64
CA SER B 23 27.15 -17.35 -54.48
C SER B 23 28.41 -17.75 -53.72
N LEU B 24 28.44 -17.42 -52.42
CA LEU B 24 29.57 -17.77 -51.56
C LEU B 24 29.06 -18.51 -50.33
N THR B 25 29.96 -19.26 -49.69
CA THR B 25 29.60 -20.06 -48.53
C THR B 25 30.76 -20.09 -47.54
N CYS B 26 30.47 -19.73 -46.27
CA CYS B 26 31.44 -19.75 -45.19
C CYS B 26 31.24 -20.99 -44.33
N ASN B 27 32.23 -21.88 -44.32
CA ASN B 27 32.22 -23.07 -43.47
C ASN B 27 33.01 -22.79 -42.19
N VAL B 28 32.33 -22.83 -41.05
CA VAL B 28 32.95 -22.63 -39.74
C VAL B 28 33.20 -23.98 -39.10
N SER B 29 34.38 -24.13 -38.49
CA SER B 29 34.76 -25.35 -37.79
C SER B 29 35.36 -24.99 -36.44
N GLY B 30 35.34 -25.95 -35.53
CA GLY B 30 35.81 -25.74 -34.17
C GLY B 30 34.78 -25.16 -33.22
N ASP B 31 33.67 -24.66 -33.73
CA ASP B 31 32.62 -24.08 -32.91
C ASP B 31 31.30 -24.24 -33.64
N SER B 32 30.20 -24.16 -32.89
CA SER B 32 28.88 -24.28 -33.48
C SER B 32 28.34 -22.90 -33.83
N ILE B 33 27.76 -22.79 -35.02
CA ILE B 33 27.15 -21.54 -35.45
C ILE B 33 25.81 -21.29 -34.77
N ASN B 34 25.18 -22.33 -34.23
CA ASN B 34 23.84 -22.22 -33.61
C ASN B 34 23.97 -21.65 -32.21
N SER B 35 24.26 -20.34 -32.16
CA SER B 35 24.44 -19.66 -30.88
C SER B 35 24.24 -18.17 -31.08
N GLY B 36 23.60 -17.53 -30.10
CA GLY B 36 23.42 -16.09 -30.11
C GLY B 36 24.63 -15.28 -29.72
N ASP B 37 25.76 -15.93 -29.42
CA ASP B 37 26.94 -15.23 -28.96
C ASP B 37 27.64 -14.41 -30.04
N TYR B 38 27.25 -14.56 -31.31
CA TYR B 38 28.06 -14.00 -32.38
C TYR B 38 27.21 -13.43 -33.52
N TYR B 39 27.74 -12.39 -34.15
CA TYR B 39 27.33 -11.98 -35.48
C TYR B 39 28.15 -12.76 -36.51
N TRP B 40 27.55 -13.00 -37.66
CA TRP B 40 28.23 -13.66 -38.77
C TRP B 40 28.21 -12.70 -39.95
N ILE B 41 29.39 -12.23 -40.35
CA ILE B 41 29.54 -11.04 -41.18
C ILE B 41 30.21 -11.40 -42.48
N TRP B 42 29.85 -10.66 -43.54
CA TRP B 42 30.51 -10.73 -44.84
C TRP B 42 31.20 -9.41 -45.12
N ILE B 43 32.46 -9.49 -45.56
CA ILE B 43 33.25 -8.32 -45.90
C ILE B 43 33.85 -8.54 -47.28
N ARG B 44 33.84 -7.51 -48.12
CA ARG B 44 34.49 -7.58 -49.40
C ARG B 44 35.50 -6.44 -49.54
N GLN B 45 36.45 -6.66 -50.43
CA GLN B 45 37.56 -5.72 -50.64
C GLN B 45 37.93 -5.69 -52.11
N PRO B 46 37.57 -4.64 -52.83
CA PRO B 46 38.01 -4.52 -54.22
C PRO B 46 39.53 -4.52 -54.29
N PRO B 47 40.10 -5.04 -55.37
CA PRO B 47 41.56 -5.03 -55.50
C PRO B 47 42.11 -3.61 -55.39
N GLY B 48 43.04 -3.43 -54.45
CA GLY B 48 43.65 -2.14 -54.22
C GLY B 48 42.91 -1.21 -53.28
N LYS B 49 41.61 -1.43 -53.06
CA LYS B 49 40.82 -0.57 -52.21
C LYS B 49 40.73 -1.13 -50.79
N GLY B 50 39.87 -0.54 -49.97
CA GLY B 50 39.76 -0.87 -48.56
C GLY B 50 38.71 -1.91 -48.28
N LEU B 51 38.22 -1.91 -47.04
CA LEU B 51 37.32 -2.93 -46.54
C LEU B 51 35.90 -2.39 -46.52
N GLU B 52 34.99 -3.10 -47.19
CA GLU B 52 33.58 -2.73 -47.26
C GLU B 52 32.74 -3.76 -46.51
N TRP B 53 31.85 -3.27 -45.64
CA TRP B 53 30.92 -4.15 -44.95
C TRP B 53 29.75 -4.49 -45.86
N ILE B 54 29.39 -5.77 -45.88
CA ILE B 54 28.30 -6.25 -46.74
C ILE B 54 27.05 -6.47 -45.90
N GLY B 55 27.13 -7.32 -44.89
CA GLY B 55 25.98 -7.59 -44.06
C GLY B 55 26.31 -8.54 -42.94
N ASN B 56 25.39 -8.60 -41.98
CA ASN B 56 25.45 -9.52 -40.85
C ASN B 56 24.29 -10.50 -40.92
N ILE B 57 24.41 -11.59 -40.18
CA ILE B 57 23.30 -12.52 -39.98
C ILE B 57 23.38 -13.09 -38.58
N TYR B 58 22.22 -13.20 -37.94
CA TYR B 58 22.09 -13.78 -36.61
C TYR B 58 21.59 -15.21 -36.75
N TYR B 59 22.00 -16.07 -35.81
CA TYR B 59 21.66 -17.49 -35.89
C TYR B 59 20.16 -17.73 -35.97
N SER B 60 19.35 -16.76 -35.53
CA SER B 60 17.90 -16.86 -35.61
C SER B 60 17.38 -16.69 -37.04
N GLY B 61 18.25 -16.36 -38.00
CA GLY B 61 17.87 -16.22 -39.39
C GLY B 61 17.77 -14.78 -39.87
N THR B 62 17.68 -13.82 -38.96
CA THR B 62 17.61 -12.42 -39.35
C THR B 62 18.94 -11.96 -39.95
N ALA B 63 18.86 -11.11 -40.97
CA ALA B 63 20.05 -10.60 -41.63
C ALA B 63 19.76 -9.19 -42.14
N TYR B 64 20.75 -8.31 -42.00
CA TYR B 64 20.66 -6.94 -42.50
C TYR B 64 21.93 -6.62 -43.29
N TYR B 65 21.81 -5.68 -44.22
CA TYR B 65 22.79 -5.51 -45.28
C TYR B 65 23.27 -4.07 -45.36
N ASN B 66 24.37 -3.89 -46.08
CA ASN B 66 24.85 -2.56 -46.45
C ASN B 66 23.75 -1.86 -47.25
N PRO B 67 23.29 -0.69 -46.81
CA PRO B 67 22.18 -0.01 -47.52
C PRO B 67 22.45 0.24 -49.00
N SER B 68 23.71 0.43 -49.40
CA SER B 68 24.00 0.70 -50.80
C SER B 68 23.90 -0.53 -51.68
N LEU B 69 23.83 -1.73 -51.09
CA LEU B 69 23.75 -2.97 -51.86
C LEU B 69 22.60 -3.85 -51.39
N LYS B 70 21.68 -3.30 -50.60
CA LYS B 70 20.64 -4.10 -49.95
C LYS B 70 19.85 -4.92 -50.95
N THR B 71 19.46 -4.32 -52.07
CA THR B 71 18.56 -4.97 -53.02
C THR B 71 19.19 -6.16 -53.73
N ARG B 72 20.51 -6.31 -53.67
CA ARG B 72 21.22 -7.36 -54.41
C ARG B 72 21.89 -8.37 -53.48
N LEU B 73 21.57 -8.35 -52.19
CA LEU B 73 22.24 -9.19 -51.20
C LEU B 73 21.24 -10.10 -50.51
N ILE B 74 21.59 -11.37 -50.39
CA ILE B 74 20.84 -12.35 -49.60
C ILE B 74 21.86 -13.10 -48.76
N ILE B 75 21.81 -12.91 -47.45
CA ILE B 75 22.65 -13.64 -46.51
C ILE B 75 21.77 -14.62 -45.74
N SER B 76 22.07 -15.91 -45.87
CA SER B 76 21.33 -16.97 -45.22
C SER B 76 22.26 -17.80 -44.33
N ILE B 77 21.67 -18.48 -43.36
CA ILE B 77 22.40 -19.30 -42.40
C ILE B 77 21.73 -20.66 -42.30
N ASP B 78 22.54 -21.69 -42.07
CA ASP B 78 22.03 -23.05 -41.84
C ASP B 78 22.72 -23.59 -40.59
N THR B 79 21.98 -23.59 -39.47
CA THR B 79 22.54 -24.07 -38.21
C THR B 79 22.85 -25.56 -38.24
N SER B 80 22.12 -26.33 -39.05
CA SER B 80 22.26 -27.79 -39.07
C SER B 80 23.46 -28.27 -39.87
N THR B 81 24.21 -27.38 -40.52
CA THR B 81 25.44 -27.74 -41.20
C THR B 81 26.56 -26.76 -40.90
N ASN B 82 26.39 -25.87 -39.92
CA ASN B 82 27.43 -24.97 -39.45
C ASN B 82 28.01 -24.13 -40.59
N GLN B 83 27.12 -23.43 -41.30
CA GLN B 83 27.56 -22.56 -42.37
C GLN B 83 26.55 -21.44 -42.58
N PHE B 84 27.02 -20.34 -43.16
CA PHE B 84 26.16 -19.28 -43.64
C PHE B 84 26.68 -18.81 -44.99
N SER B 85 25.79 -18.24 -45.79
CA SER B 85 26.06 -18.01 -47.20
C SER B 85 25.74 -16.57 -47.58
N LEU B 86 26.39 -16.13 -48.65
CA LEU B 86 26.15 -14.81 -49.23
C LEU B 86 25.82 -14.97 -50.70
N LYS B 87 24.83 -14.21 -51.17
CA LYS B 87 24.43 -14.20 -52.57
C LYS B 87 24.36 -12.76 -53.05
N VAL B 88 25.05 -12.46 -54.14
CA VAL B 88 25.04 -11.13 -54.76
C VAL B 88 24.38 -11.27 -56.11
N THR B 89 23.23 -10.63 -56.29
CA THR B 89 22.42 -10.80 -57.49
C THR B 89 22.70 -9.68 -58.48
N SER B 90 22.48 -9.97 -59.76
CA SER B 90 22.66 -9.03 -60.86
C SER B 90 24.01 -8.33 -60.75
N VAL B 91 25.06 -9.14 -60.71
CA VAL B 91 26.41 -8.64 -60.45
C VAL B 91 26.86 -7.70 -61.58
N THR B 92 27.77 -6.79 -61.23
CA THR B 92 28.39 -5.91 -62.21
C THR B 92 29.91 -5.96 -62.07
N ALA B 93 30.62 -5.14 -62.85
CA ALA B 93 32.07 -5.09 -62.74
C ALA B 93 32.52 -4.54 -61.40
N ALA B 94 31.71 -3.67 -60.77
CA ALA B 94 32.05 -3.08 -59.49
C ALA B 94 31.99 -4.07 -58.33
N ASP B 95 31.58 -5.31 -58.58
CA ASP B 95 31.51 -6.33 -57.54
C ASP B 95 32.73 -7.23 -57.51
N THR B 96 33.67 -7.05 -58.43
CA THR B 96 34.94 -7.77 -58.35
C THR B 96 35.69 -7.38 -57.08
N ALA B 97 35.94 -8.36 -56.23
CA ALA B 97 36.55 -8.10 -54.93
C ALA B 97 36.91 -9.42 -54.27
N ILE B 98 37.78 -9.34 -53.27
CA ILE B 98 38.00 -10.45 -52.35
C ILE B 98 36.92 -10.43 -51.30
N TYR B 99 36.22 -11.55 -51.13
CA TYR B 99 35.12 -11.64 -50.18
C TYR B 99 35.56 -12.43 -48.96
N TYR B 100 35.47 -11.82 -47.79
CA TYR B 100 35.81 -12.45 -46.52
C TYR B 100 34.54 -12.70 -45.72
N CYS B 101 34.50 -13.82 -45.02
CA CYS B 101 33.54 -14.01 -43.95
C CYS B 101 34.26 -13.91 -42.61
N ALA B 102 33.53 -13.44 -41.59
CA ALA B 102 34.13 -13.17 -40.30
C ALA B 102 33.08 -13.30 -39.21
N ARG B 103 33.55 -13.24 -37.96
CA ARG B 103 32.71 -13.42 -36.79
C ARG B 103 32.93 -12.26 -35.82
N ALA B 104 31.84 -11.81 -35.20
CA ALA B 104 31.91 -10.74 -34.22
C ALA B 104 31.02 -11.07 -33.04
N SER B 105 31.47 -10.70 -31.84
CA SER B 105 30.73 -10.99 -30.61
C SER B 105 29.53 -10.07 -30.46
N THR B 106 28.48 -10.58 -29.82
CA THR B 106 27.31 -9.80 -29.46
C THR B 106 27.30 -9.38 -27.99
N THR B 107 28.28 -9.82 -27.22
CA THR B 107 28.24 -9.69 -25.76
C THR B 107 29.15 -8.61 -25.22
N VAL B 108 29.86 -7.87 -26.09
CA VAL B 108 30.80 -6.86 -25.66
C VAL B 108 30.35 -5.50 -26.18
N VAL B 109 30.88 -4.45 -25.55
CA VAL B 109 30.49 -3.09 -25.92
C VAL B 109 30.87 -2.79 -27.37
N SER B 110 32.13 -3.04 -27.72
CA SER B 110 32.64 -2.78 -29.07
C SER B 110 33.10 -4.08 -29.71
N PRO B 111 32.28 -4.70 -30.55
CA PRO B 111 32.70 -5.95 -31.20
C PRO B 111 33.83 -5.72 -32.20
N TRP B 112 34.67 -6.74 -32.33
CA TRP B 112 35.70 -6.81 -33.36
C TRP B 112 35.51 -8.10 -34.14
N LEU B 113 36.21 -8.20 -35.26
CA LEU B 113 36.06 -9.40 -36.11
C LEU B 113 37.25 -10.33 -35.91
N ASP B 114 36.99 -11.51 -35.35
CA ASP B 114 38.02 -12.55 -35.16
C ASP B 114 37.24 -13.85 -35.02
N PRO B 115 37.58 -14.96 -35.67
CA PRO B 115 38.53 -14.97 -36.78
C PRO B 115 37.96 -14.57 -38.14
N TRP B 116 38.82 -14.54 -39.16
CA TRP B 116 38.38 -14.22 -40.54
C TRP B 116 38.62 -15.45 -41.41
N GLY B 117 37.83 -15.63 -42.46
CA GLY B 117 38.08 -16.65 -43.46
C GLY B 117 39.34 -16.37 -44.24
N GLN B 118 39.78 -17.38 -45.00
CA GLN B 118 40.96 -17.21 -45.84
C GLN B 118 40.77 -16.09 -46.86
N GLY B 119 39.56 -15.92 -47.36
CA GLY B 119 39.28 -14.92 -48.38
C GLY B 119 39.35 -15.51 -49.77
N THR B 120 38.34 -15.25 -50.59
CA THR B 120 38.29 -15.73 -51.96
C THR B 120 38.10 -14.56 -52.91
N LEU B 121 38.93 -14.51 -53.95
CA LEU B 121 38.80 -13.48 -54.97
C LEU B 121 37.69 -13.85 -55.94
N VAL B 122 36.80 -12.90 -56.23
CA VAL B 122 35.74 -13.09 -57.20
C VAL B 122 35.90 -12.06 -58.29
N THR B 123 35.99 -12.52 -59.53
CA THR B 123 36.22 -11.67 -60.70
C THR B 123 35.10 -11.86 -61.71
N VAL B 124 34.80 -10.80 -62.46
CA VAL B 124 33.76 -10.86 -63.48
C VAL B 124 34.33 -10.59 -64.86
N SER B 146 27.29 5.58 -40.99
CA SER B 146 27.70 6.88 -41.51
C SER B 146 28.87 7.46 -40.72
N TYR B 147 29.13 6.92 -39.54
CA TYR B 147 30.32 7.32 -38.79
C TYR B 147 31.55 6.97 -39.59
N GLU B 148 32.44 7.95 -39.77
CA GLU B 148 33.56 7.83 -40.69
C GLU B 148 34.87 7.90 -39.92
N LEU B 149 35.74 6.95 -40.19
CA LEU B 149 37.10 6.92 -39.64
C LEU B 149 38.06 7.40 -40.72
N THR B 150 38.96 8.30 -40.34
CA THR B 150 39.90 8.91 -41.28
C THR B 150 41.32 8.57 -40.85
N GLN B 151 42.03 7.83 -41.70
CA GLN B 151 43.42 7.49 -41.48
C GLN B 151 44.20 7.70 -42.77
N PRO B 152 45.47 8.08 -42.68
CA PRO B 152 46.24 8.40 -43.89
C PRO B 152 46.56 7.14 -44.68
N SER B 153 46.79 7.34 -45.98
CA SER B 153 47.06 6.21 -46.87
C SER B 153 48.40 5.56 -46.57
N SER B 154 49.37 6.33 -46.09
CA SER B 154 50.72 5.80 -45.95
C SER B 154 51.43 6.42 -44.77
N VAL B 155 52.18 5.58 -44.06
CA VAL B 155 53.21 6.02 -43.14
C VAL B 155 54.48 5.27 -43.55
N ALA B 156 55.57 6.00 -43.74
CA ALA B 156 56.79 5.43 -44.26
C ALA B 156 57.94 5.76 -43.32
N VAL B 157 58.53 4.73 -42.72
CA VAL B 157 59.64 4.89 -41.80
C VAL B 157 60.76 3.94 -42.19
N ALA B 158 61.96 4.26 -41.73
CA ALA B 158 63.12 3.42 -41.96
C ALA B 158 63.12 2.26 -40.97
N PRO B 159 63.83 1.17 -41.28
CA PRO B 159 63.88 0.05 -40.35
C PRO B 159 64.40 0.49 -38.98
N GLY B 160 63.83 -0.10 -37.93
CA GLY B 160 64.19 0.24 -36.58
C GLY B 160 63.50 1.47 -36.00
N GLN B 161 62.87 2.30 -36.82
CA GLN B 161 62.21 3.50 -36.33
C GLN B 161 60.84 3.14 -35.73
N THR B 162 60.06 4.17 -35.40
CA THR B 162 58.76 4.00 -34.77
C THR B 162 57.69 4.53 -35.70
N ALA B 163 56.79 3.65 -36.13
CA ALA B 163 55.66 4.04 -36.95
C ALA B 163 54.43 4.29 -36.09
N ARG B 164 53.74 5.39 -36.38
CA ARG B 164 52.51 5.75 -35.67
C ARG B 164 51.43 6.00 -36.70
N ILE B 165 50.47 5.08 -36.75
CA ILE B 165 49.36 5.12 -37.70
C ILE B 165 48.17 5.76 -37.00
N PRO B 166 47.78 6.98 -37.35
CA PRO B 166 46.64 7.62 -36.69
C PRO B 166 45.32 7.22 -37.33
N CYS B 167 44.27 7.24 -36.50
CA CYS B 167 42.91 6.95 -36.92
C CYS B 167 42.01 8.03 -36.33
N GLY B 168 41.41 8.84 -37.19
CA GLY B 168 40.65 10.00 -36.76
C GLY B 168 39.15 9.73 -36.76
N GLY B 169 38.50 10.16 -35.70
CA GLY B 169 37.05 10.05 -35.60
C GLY B 169 36.52 11.06 -34.63
N ASP B 170 35.32 11.56 -34.90
CA ASP B 170 34.68 12.54 -34.03
C ASP B 170 34.45 11.92 -32.66
N ASN B 171 35.17 12.40 -31.65
CA ASN B 171 35.07 11.88 -30.28
C ASN B 171 35.31 10.36 -30.27
N ILE B 172 36.37 9.95 -30.96
CA ILE B 172 36.64 8.52 -31.13
C ILE B 172 37.00 7.85 -29.81
N GLU B 173 37.38 8.62 -28.79
CA GLU B 173 37.71 8.00 -27.51
C GLU B 173 36.48 7.45 -26.80
N SER B 174 35.29 7.94 -27.16
CA SER B 174 34.06 7.37 -26.61
C SER B 174 33.81 5.96 -27.11
N LYS B 175 34.50 5.54 -28.18
CA LYS B 175 34.35 4.22 -28.75
C LYS B 175 35.59 3.39 -28.46
N GLY B 176 35.46 2.08 -28.63
CA GLY B 176 36.58 1.17 -28.55
C GLY B 176 37.02 0.78 -29.95
N VAL B 177 38.23 1.18 -30.31
CA VAL B 177 38.75 0.98 -31.66
C VAL B 177 39.68 -0.23 -31.66
N HIS B 178 39.63 -0.99 -32.74
CA HIS B 178 40.46 -2.17 -32.95
C HIS B 178 41.31 -1.98 -34.19
N TRP B 179 42.37 -2.78 -34.30
CA TRP B 179 43.34 -2.63 -35.39
C TRP B 179 43.60 -3.99 -36.03
N TYR B 180 43.57 -4.01 -37.37
CA TYR B 180 43.87 -5.21 -38.14
C TYR B 180 45.07 -4.97 -39.03
N GLN B 181 45.92 -5.99 -39.14
CA GLN B 181 47.06 -6.00 -40.03
C GLN B 181 46.78 -6.94 -41.20
N GLN B 182 46.94 -6.44 -42.42
CA GLN B 182 46.71 -7.22 -43.63
C GLN B 182 47.96 -7.17 -44.50
N LYS B 183 48.67 -8.28 -44.56
CA LYS B 183 49.77 -8.44 -45.51
C LYS B 183 49.21 -8.81 -46.88
N PRO B 184 49.95 -8.50 -47.95
CA PRO B 184 49.39 -8.68 -49.29
C PRO B 184 49.04 -10.13 -49.58
N GLY B 185 47.86 -10.34 -50.16
CA GLY B 185 47.37 -11.67 -50.46
C GLY B 185 46.74 -12.40 -49.30
N GLN B 186 46.78 -11.84 -48.09
CA GLN B 186 46.25 -12.49 -46.90
C GLN B 186 45.04 -11.72 -46.36
N ALA B 187 44.26 -12.40 -45.52
CA ALA B 187 43.16 -11.78 -44.83
C ALA B 187 43.67 -10.88 -43.70
N PRO B 188 42.87 -9.92 -43.26
CA PRO B 188 43.28 -9.08 -42.11
C PRO B 188 43.44 -9.92 -40.85
N VAL B 189 44.32 -9.43 -39.97
CA VAL B 189 44.66 -10.11 -38.73
C VAL B 189 44.56 -9.10 -37.59
N LEU B 190 43.77 -9.44 -36.57
CA LEU B 190 43.60 -8.55 -35.43
C LEU B 190 44.90 -8.45 -34.64
N VAL B 191 45.36 -7.23 -34.40
CA VAL B 191 46.61 -7.03 -33.68
C VAL B 191 46.37 -6.22 -32.41
N VAL B 192 45.33 -5.39 -32.41
CA VAL B 192 44.94 -4.59 -31.25
C VAL B 192 43.43 -4.52 -31.18
N TYR B 193 42.88 -4.64 -29.98
CA TYR B 193 41.45 -4.46 -29.74
C TYR B 193 41.23 -3.77 -28.40
N ASP B 194 40.07 -3.15 -28.25
CA ASP B 194 39.72 -2.38 -27.05
C ASP B 194 40.79 -1.33 -26.74
N ASP B 195 41.34 -0.75 -27.81
CA ASP B 195 42.27 0.39 -27.84
C ASP B 195 43.67 0.05 -27.36
N HIS B 196 43.85 -1.02 -26.60
CA HIS B 196 45.21 -1.39 -26.21
C HIS B 196 45.43 -2.89 -25.98
N ASP B 197 44.43 -3.74 -26.19
CA ASP B 197 44.62 -5.16 -25.92
C ASP B 197 45.24 -5.85 -27.13
N ARG B 198 46.19 -6.73 -26.86
CA ARG B 198 46.82 -7.51 -27.90
C ARG B 198 46.39 -8.96 -27.79
N PRO B 199 45.89 -9.56 -28.87
CA PRO B 199 45.72 -11.02 -28.88
C PRO B 199 47.03 -11.73 -28.58
N SER B 200 46.92 -13.03 -28.29
CA SER B 200 48.05 -13.79 -27.75
C SER B 200 49.26 -13.74 -28.68
N GLY B 201 49.05 -13.97 -29.97
CA GLY B 201 50.15 -14.14 -30.89
C GLY B 201 50.90 -12.87 -31.29
N ILE B 202 50.42 -11.70 -30.86
CA ILE B 202 50.94 -10.44 -31.39
C ILE B 202 52.12 -9.96 -30.56
N PRO B 203 53.21 -9.50 -31.20
CA PRO B 203 54.35 -8.97 -30.43
C PRO B 203 53.97 -7.72 -29.66
N GLU B 204 54.79 -7.42 -28.63
CA GLU B 204 54.55 -6.24 -27.80
C GLU B 204 54.92 -4.94 -28.50
N ARG B 205 55.62 -4.99 -29.63
CA ARG B 205 55.99 -3.76 -30.32
C ARG B 205 54.75 -3.03 -30.83
N PHE B 206 53.71 -3.76 -31.16
CA PHE B 206 52.43 -3.17 -31.53
C PHE B 206 51.69 -2.74 -30.28
N SER B 207 51.35 -1.45 -30.20
CA SER B 207 50.57 -0.95 -29.08
C SER B 207 49.51 -0.01 -29.62
N GLY B 208 48.52 0.27 -28.78
CA GLY B 208 47.39 1.08 -29.18
C GLY B 208 47.11 2.19 -28.19
N SER B 209 46.59 3.29 -28.71
CA SER B 209 46.20 4.43 -27.89
C SER B 209 44.89 4.99 -28.45
N ASN B 210 44.16 5.68 -27.59
CA ASN B 210 42.89 6.29 -28.00
C ASN B 210 42.59 7.44 -27.06
N SER B 211 42.71 8.67 -27.56
CA SER B 211 42.47 9.87 -26.76
C SER B 211 41.93 10.95 -27.68
N GLY B 212 40.96 11.71 -27.17
CA GLY B 212 40.37 12.78 -27.94
C GLY B 212 39.70 12.27 -29.19
N ASN B 213 40.13 12.78 -30.34
CA ASN B 213 39.56 12.41 -31.64
C ASN B 213 40.50 11.57 -32.48
N THR B 214 41.56 11.02 -31.89
CA THR B 214 42.55 10.27 -32.65
C THR B 214 42.93 9.01 -31.87
N ALA B 215 42.78 7.86 -32.50
CA ALA B 215 43.35 6.60 -32.01
C ALA B 215 44.61 6.30 -32.81
N THR B 216 45.61 5.74 -32.13
CA THR B 216 46.93 5.60 -32.72
C THR B 216 47.44 4.17 -32.51
N LEU B 217 47.70 3.48 -33.60
CA LEU B 217 48.46 2.24 -33.57
C LEU B 217 49.94 2.56 -33.70
N THR B 218 50.73 2.15 -32.71
CA THR B 218 52.15 2.45 -32.68
C THR B 218 52.94 1.15 -32.83
N VAL B 219 53.70 1.05 -33.91
CA VAL B 219 54.57 -0.09 -34.16
C VAL B 219 56.00 0.37 -33.92
N SER B 220 56.61 -0.10 -32.83
CA SER B 220 57.98 0.21 -32.51
C SER B 220 58.92 -0.82 -33.15
N ARG B 221 60.17 -0.40 -33.35
CA ARG B 221 61.21 -1.25 -33.92
C ARG B 221 60.71 -1.91 -35.21
N VAL B 222 60.37 -1.06 -36.18
CA VAL B 222 59.65 -1.51 -37.36
C VAL B 222 60.54 -2.45 -38.16
N GLU B 223 60.22 -3.74 -38.12
CA GLU B 223 60.90 -4.73 -38.94
C GLU B 223 60.39 -4.68 -40.37
N ALA B 224 61.05 -5.43 -41.25
CA ALA B 224 60.60 -5.50 -42.64
C ALA B 224 59.28 -6.26 -42.74
N GLY B 225 59.07 -7.26 -41.88
CA GLY B 225 57.83 -8.01 -41.87
C GLY B 225 56.61 -7.23 -41.45
N ASP B 226 56.79 -6.02 -40.90
CA ASP B 226 55.67 -5.18 -40.52
C ASP B 226 55.02 -4.48 -41.71
N GLU B 227 55.59 -4.63 -42.89
CA GLU B 227 55.06 -3.98 -44.10
C GLU B 227 53.71 -4.59 -44.45
N ALA B 228 52.64 -3.82 -44.28
CA ALA B 228 51.27 -4.28 -44.52
C ALA B 228 50.35 -3.07 -44.49
N ASP B 229 49.07 -3.32 -44.76
CA ASP B 229 48.03 -2.33 -44.59
C ASP B 229 47.39 -2.49 -43.21
N TYR B 230 47.12 -1.38 -42.55
CA TYR B 230 46.59 -1.39 -41.19
C TYR B 230 45.27 -0.64 -41.17
N TYR B 231 44.23 -1.31 -40.68
CA TYR B 231 42.88 -0.76 -40.64
C TYR B 231 42.44 -0.61 -39.19
N CYS B 232 41.96 0.58 -38.84
CA CYS B 232 41.26 0.77 -37.58
C CYS B 232 39.79 0.46 -37.78
N GLN B 233 39.17 -0.14 -36.77
CA GLN B 233 37.78 -0.56 -36.87
C GLN B 233 37.03 -0.11 -35.62
N VAL B 234 35.76 0.26 -35.82
CA VAL B 234 34.89 0.72 -34.77
C VAL B 234 33.50 0.14 -35.06
N TRP B 235 32.64 0.13 -34.04
CA TRP B 235 31.32 -0.47 -34.17
C TRP B 235 30.27 0.63 -34.22
N ASP B 236 29.37 0.53 -35.20
CA ASP B 236 28.27 1.48 -35.36
C ASP B 236 27.12 1.03 -34.47
N THR B 237 26.86 1.79 -33.41
CA THR B 237 25.90 1.41 -32.39
C THR B 237 24.44 1.58 -32.81
N SER B 238 24.19 2.22 -33.95
CA SER B 238 22.80 2.42 -34.38
C SER B 238 22.30 1.33 -35.32
N SER B 239 23.20 0.73 -36.11
CA SER B 239 22.82 -0.35 -37.03
C SER B 239 23.69 -1.59 -36.87
N GLU B 240 24.54 -1.64 -35.84
CA GLU B 240 25.18 -2.89 -35.39
C GLU B 240 26.00 -3.55 -36.50
N HIS B 241 27.04 -2.86 -36.93
CA HIS B 241 27.96 -3.41 -37.93
C HIS B 241 29.31 -2.70 -37.78
N PRO B 242 30.38 -3.30 -38.27
CA PRO B 242 31.70 -2.68 -38.13
C PRO B 242 31.90 -1.53 -39.09
N VAL B 243 32.64 -0.52 -38.62
CA VAL B 243 33.05 0.62 -39.44
C VAL B 243 34.57 0.60 -39.51
N PHE B 244 35.10 0.70 -40.73
CA PHE B 244 36.53 0.60 -40.96
C PHE B 244 37.07 1.95 -41.44
N GLY B 245 38.31 2.22 -41.06
CA GLY B 245 39.05 3.29 -41.69
C GLY B 245 39.48 2.89 -43.09
N GLY B 246 40.01 3.88 -43.82
CA GLY B 246 40.41 3.62 -45.19
C GLY B 246 41.63 2.74 -45.33
N GLY B 247 42.39 2.54 -44.27
CA GLY B 247 43.59 1.75 -44.36
C GLY B 247 44.84 2.61 -44.44
N THR B 248 45.96 2.08 -43.95
CA THR B 248 47.24 2.77 -43.99
C THR B 248 48.31 1.78 -44.41
N LYS B 249 48.97 2.06 -45.53
CA LYS B 249 50.06 1.22 -46.00
C LYS B 249 51.34 1.62 -45.25
N LEU B 250 51.95 0.65 -44.58
CA LEU B 250 53.20 0.87 -43.87
C LEU B 250 54.33 0.31 -44.73
N THR B 251 55.11 1.21 -45.33
CA THR B 251 56.24 0.81 -46.15
C THR B 251 57.54 1.04 -45.39
N VAL B 252 58.44 0.08 -45.48
CA VAL B 252 59.76 0.17 -44.86
C VAL B 252 60.75 0.51 -45.96
N LEU B 253 61.51 1.59 -45.76
CA LEU B 253 62.34 2.15 -46.82
C LEU B 253 63.68 1.45 -46.98
N GLY B 254 64.09 0.62 -46.02
CA GLY B 254 65.31 -0.15 -46.16
C GLY B 254 66.57 0.64 -45.83
N GLN B 255 66.98 1.52 -46.73
CA GLN B 255 68.16 2.36 -46.48
C GLN B 255 67.74 3.73 -45.98
N ASN C 6 -26.84 -15.90 18.98
CA ASN C 6 -26.75 -14.44 18.94
C ASN C 6 -25.74 -13.92 19.97
N CYS C 7 -26.08 -12.79 20.60
CA CYS C 7 -25.19 -12.11 21.52
C CYS C 7 -25.16 -12.87 22.85
N ASN C 8 -24.49 -14.02 22.89
CA ASN C 8 -24.68 -14.90 24.05
C ASN C 8 -23.96 -14.43 25.32
N TYR C 9 -22.65 -14.67 25.39
CA TYR C 9 -21.95 -14.38 26.64
C TYR C 9 -20.47 -14.03 26.52
N LYS C 10 -19.94 -13.72 25.33
CA LYS C 10 -18.60 -13.14 25.23
C LYS C 10 -17.52 -14.03 25.84
N ARG C 11 -17.15 -15.12 25.17
CA ARG C 11 -16.12 -16.05 25.63
C ARG C 11 -14.94 -15.35 26.29
N LYS C 12 -14.33 -16.00 27.30
CA LYS C 12 -13.24 -15.41 28.05
C LYS C 12 -12.16 -14.83 27.13
N ARG C 13 -11.49 -13.79 27.63
CA ARG C 13 -10.50 -13.07 26.85
C ARG C 13 -9.42 -14.00 26.34
N ARG C 14 -9.21 -13.96 25.03
CA ARG C 14 -8.18 -14.76 24.35
C ARG C 14 -8.33 -16.24 24.65
N GLU C 15 -9.58 -16.68 24.87
CA GLU C 15 -9.88 -18.11 24.80
C GLU C 15 -9.67 -18.62 23.38
N ARG C 16 -9.90 -17.74 22.39
CA ARG C 16 -9.56 -17.99 21.00
C ARG C 16 -8.70 -16.84 20.53
N ASP C 17 -7.53 -17.18 19.97
CA ASP C 17 -6.60 -16.16 19.51
C ASP C 17 -7.09 -15.55 18.20
N TRP C 18 -6.35 -14.56 17.70
CA TRP C 18 -6.66 -13.94 16.42
C TRP C 18 -6.59 -14.96 15.30
N ASP C 19 -7.69 -15.09 14.56
CA ASP C 19 -7.76 -16.03 13.45
C ASP C 19 -7.34 -15.33 12.16
N CYS C 20 -6.28 -15.83 11.54
CA CYS C 20 -5.77 -15.29 10.28
C CYS C 20 -6.03 -16.23 9.10
N ASN C 21 -6.89 -17.24 9.27
CA ASN C 21 -7.07 -18.26 8.26
C ASN C 21 -8.39 -18.15 7.49
N THR C 22 -9.44 -17.63 8.11
CA THR C 22 -10.71 -17.49 7.40
C THR C 22 -10.62 -16.44 6.32
N LYS C 23 -10.14 -15.24 6.66
CA LYS C 23 -9.77 -14.22 5.69
C LYS C 23 -8.25 -14.12 5.68
N LYS C 24 -7.64 -14.44 4.54
CA LYS C 24 -6.20 -14.65 4.50
C LYS C 24 -5.40 -13.36 4.61
N ASP C 25 -5.98 -12.22 4.22
CA ASP C 25 -5.26 -10.96 4.23
C ASP C 25 -5.34 -10.21 5.55
N VAL C 26 -6.15 -10.69 6.50
CA VAL C 26 -6.35 -10.01 7.77
C VAL C 26 -6.46 -11.04 8.89
N CYS C 27 -6.21 -10.59 10.11
CA CYS C 27 -6.41 -11.39 11.32
C CYS C 27 -7.57 -10.80 12.10
N ILE C 28 -8.55 -11.65 12.42
CA ILE C 28 -9.80 -11.21 13.02
C ILE C 28 -9.76 -11.55 14.51
N PRO C 29 -10.06 -10.61 15.40
CA PRO C 29 -10.06 -10.91 16.83
C PRO C 29 -11.35 -11.59 17.26
N ASP C 30 -11.26 -12.29 18.40
CA ASP C 30 -12.42 -13.00 18.93
C ASP C 30 -13.56 -12.04 19.24
N ARG C 31 -13.22 -10.84 19.74
CA ARG C 31 -14.24 -9.83 20.04
C ARG C 31 -15.08 -9.50 18.81
N ARG C 32 -14.43 -9.31 17.66
CA ARG C 32 -15.14 -8.94 16.44
C ARG C 32 -16.09 -10.06 15.99
N TYR C 33 -15.63 -11.30 16.06
CA TYR C 33 -16.51 -12.43 15.72
C TYR C 33 -17.75 -12.44 16.61
N GLN C 34 -17.59 -12.03 17.87
CA GLN C 34 -18.67 -12.05 18.84
C GLN C 34 -19.45 -10.74 18.90
N LEU C 35 -19.18 -9.81 17.99
CA LEU C 35 -19.85 -8.51 18.00
C LEU C 35 -21.36 -8.70 17.88
N CYS C 36 -22.11 -8.05 18.76
CA CYS C 36 -23.55 -8.21 18.83
C CYS C 36 -24.21 -7.47 17.67
N MET C 37 -24.97 -8.20 16.84
CA MET C 37 -25.59 -7.63 15.65
C MET C 37 -27.02 -8.16 15.45
N LYS C 38 -27.68 -8.56 16.54
CA LYS C 38 -28.96 -9.25 16.42
C LYS C 38 -30.01 -8.40 15.72
N GLU C 39 -30.27 -7.20 16.25
CA GLU C 39 -31.33 -6.36 15.67
C GLU C 39 -30.98 -5.92 14.25
N LEU C 40 -29.70 -5.69 13.98
CA LEU C 40 -29.27 -5.36 12.62
C LEU C 40 -29.54 -6.52 11.67
N THR C 41 -29.24 -7.75 12.10
CA THR C 41 -29.43 -8.92 11.25
C THR C 41 -30.91 -9.14 10.95
N ASN C 42 -31.76 -9.05 11.98
CA ASN C 42 -33.19 -9.34 11.86
C ASN C 42 -33.97 -8.20 11.24
N LEU C 43 -33.31 -7.24 10.59
CA LEU C 43 -33.97 -6.11 9.94
C LEU C 43 -34.75 -6.50 8.68
N VAL C 44 -34.90 -7.78 8.37
CA VAL C 44 -35.73 -8.21 7.25
C VAL C 44 -37.21 -8.08 7.61
N THR C 56 -36.34 8.44 5.42
CA THR C 56 -35.90 9.06 6.67
C THR C 56 -36.34 8.22 7.87
N PHE C 57 -37.53 7.62 7.77
CA PHE C 57 -38.07 6.86 8.90
C PHE C 57 -37.29 5.56 9.10
N ARG C 58 -36.92 4.88 8.01
CA ARG C 58 -36.20 3.62 8.15
C ARG C 58 -34.77 3.85 8.63
N LYS C 59 -34.20 5.02 8.36
CA LYS C 59 -32.92 5.37 8.97
C LYS C 59 -33.03 5.47 10.48
N LEU C 60 -34.14 6.03 10.97
CA LEU C 60 -34.41 6.04 12.39
C LEU C 60 -34.49 4.62 12.95
N TYR C 61 -35.29 3.77 12.30
CA TYR C 61 -35.44 2.40 12.76
C TYR C 61 -34.09 1.68 12.82
N LEU C 62 -33.24 1.90 11.82
CA LEU C 62 -31.88 1.38 11.86
C LEU C 62 -31.13 1.91 13.09
N LYS C 63 -31.15 3.23 13.28
CA LYS C 63 -30.49 3.83 14.43
C LYS C 63 -30.98 3.21 15.74
N ARG C 64 -32.30 3.02 15.86
CA ARG C 64 -32.87 2.39 17.05
C ARG C 64 -32.32 0.98 17.24
N LYS C 65 -32.34 0.16 16.18
CA LYS C 65 -31.87 -1.22 16.29
C LYS C 65 -30.36 -1.27 16.57
N LEU C 66 -29.59 -0.35 16.00
CA LEU C 66 -28.17 -0.29 16.31
C LEU C 66 -27.94 0.09 17.77
N ILE C 67 -28.74 1.01 18.29
CA ILE C 67 -28.63 1.39 19.70
C ILE C 67 -28.86 0.18 20.59
N TYR C 68 -29.88 -0.64 20.28
CA TYR C 68 -30.16 -1.82 21.08
C TYR C 68 -29.02 -2.82 21.01
N ASP C 69 -28.47 -3.04 19.82
CA ASP C 69 -27.32 -3.94 19.68
C ASP C 69 -26.10 -3.36 20.40
N ALA C 70 -25.90 -2.05 20.31
CA ALA C 70 -24.77 -1.43 20.99
C ALA C 70 -24.92 -1.51 22.50
N ALA C 71 -26.14 -1.32 23.01
CA ALA C 71 -26.37 -1.42 24.45
C ALA C 71 -26.11 -2.83 24.96
N VAL C 72 -26.56 -3.84 24.22
CA VAL C 72 -26.27 -5.22 24.60
C VAL C 72 -24.76 -5.48 24.56
N GLU C 73 -24.11 -5.03 23.48
CA GLU C 73 -22.66 -5.17 23.36
C GLU C 73 -21.95 -4.61 24.59
N GLY C 74 -22.29 -3.39 24.98
CA GLY C 74 -21.68 -2.80 26.16
C GLY C 74 -21.95 -3.60 27.42
N ASP C 75 -23.18 -4.12 27.56
CA ASP C 75 -23.52 -4.92 28.73
C ASP C 75 -22.66 -6.17 28.80
N LEU C 76 -22.58 -6.93 27.70
CA LEU C 76 -21.80 -8.16 27.69
C LEU C 76 -20.31 -7.89 27.92
N LEU C 77 -19.79 -6.79 27.36
CA LEU C 77 -18.39 -6.45 27.57
C LEU C 77 -18.12 -6.09 29.03
N LEU C 78 -19.10 -5.48 29.72
CA LEU C 78 -18.94 -5.20 31.14
C LEU C 78 -18.87 -6.50 31.94
N LYS C 79 -19.75 -7.46 31.65
CA LYS C 79 -19.69 -8.75 32.33
C LYS C 79 -18.38 -9.48 32.03
N LEU C 80 -17.91 -9.39 30.79
CA LEU C 80 -16.65 -10.02 30.41
C LEU C 80 -15.50 -9.52 31.28
N ASN C 81 -15.49 -8.23 31.60
CA ASN C 81 -14.48 -7.64 32.46
C ASN C 81 -14.83 -7.78 33.94
N ASN C 82 -15.75 -8.70 34.28
CA ASN C 82 -16.17 -8.95 35.66
C ASN C 82 -16.75 -7.69 36.30
N TYR C 83 -17.55 -6.95 35.53
CA TYR C 83 -18.25 -5.76 36.01
C TYR C 83 -17.29 -4.75 36.62
N ARG C 84 -16.05 -4.72 36.13
CA ARG C 84 -15.06 -3.75 36.56
C ARG C 84 -15.09 -2.55 35.60
N TYR C 85 -15.44 -1.38 36.15
CA TYR C 85 -15.51 -0.13 35.38
C TYR C 85 -14.13 0.50 35.39
N ASN C 86 -13.27 0.00 34.49
CA ASN C 86 -11.87 0.40 34.44
C ASN C 86 -11.49 0.77 33.00
N LYS C 87 -10.19 1.05 32.82
CA LYS C 87 -9.69 1.44 31.50
C LYS C 87 -9.72 0.27 30.52
N ASP C 88 -9.53 -0.96 31.01
CA ASP C 88 -9.68 -2.13 30.15
C ASP C 88 -11.07 -2.19 29.54
N PHE C 89 -12.10 -1.85 30.31
CA PHE C 89 -13.45 -1.86 29.78
C PHE C 89 -13.65 -0.77 28.72
N CYS C 90 -13.12 0.43 28.96
CA CYS C 90 -13.27 1.52 28.00
C CYS C 90 -12.71 1.16 26.64
N LYS C 91 -11.52 0.53 26.62
CA LYS C 91 -10.90 0.17 25.35
C LYS C 91 -11.77 -0.79 24.54
N ASP C 92 -12.31 -1.82 25.20
CA ASP C 92 -13.20 -2.75 24.50
C ASP C 92 -14.42 -2.05 23.94
N ILE C 93 -14.97 -1.08 24.67
CA ILE C 93 -16.07 -0.28 24.15
C ILE C 93 -15.60 0.53 22.94
N ARG C 94 -14.35 1.03 23.00
CA ARG C 94 -13.78 1.75 21.86
C ARG C 94 -13.64 0.84 20.65
N TRP C 95 -13.16 -0.39 20.84
CA TRP C 95 -12.95 -1.30 19.71
C TRP C 95 -14.28 -1.71 19.09
N SER C 96 -15.26 -2.10 19.90
CA SER C 96 -16.54 -2.54 19.37
C SER C 96 -17.31 -1.39 18.73
N LEU C 97 -17.16 -0.17 19.25
CA LEU C 97 -17.78 0.98 18.62
C LEU C 97 -17.21 1.21 17.22
N GLY C 98 -15.88 1.15 17.11
CA GLY C 98 -15.26 1.34 15.80
C GLY C 98 -15.71 0.29 14.79
N ASP C 99 -15.82 -0.96 15.23
CA ASP C 99 -16.28 -2.02 14.33
C ASP C 99 -17.74 -1.80 13.92
N PHE C 100 -18.57 -1.35 14.86
CA PHE C 100 -19.92 -0.92 14.50
C PHE C 100 -19.89 0.14 13.40
N GLY C 101 -18.98 1.10 13.51
CA GLY C 101 -18.90 2.16 12.51
C GLY C 101 -18.48 1.65 11.14
N ASP C 102 -17.43 0.83 11.10
CA ASP C 102 -16.96 0.30 9.82
C ASP C 102 -18.00 -0.58 9.16
N ILE C 103 -18.81 -1.28 9.95
CA ILE C 103 -19.94 -2.02 9.40
C ILE C 103 -20.93 -1.07 8.75
N ILE C 104 -21.35 -0.05 9.49
CA ILE C 104 -22.30 0.93 8.96
C ILE C 104 -21.75 1.57 7.70
N MET C 105 -20.49 2.04 7.75
CA MET C 105 -19.89 2.68 6.60
C MET C 105 -19.58 1.71 5.46
N GLY C 106 -19.54 0.41 5.76
CA GLY C 106 -19.24 -0.58 4.75
C GLY C 106 -17.77 -0.97 4.66
N THR C 107 -16.93 -0.43 5.54
CA THR C 107 -15.49 -0.68 5.51
C THR C 107 -15.09 -1.76 6.50
N ASP C 108 -15.98 -2.72 6.77
CA ASP C 108 -15.67 -3.81 7.68
C ASP C 108 -14.90 -4.89 6.95
N MET C 109 -13.81 -5.37 7.55
CA MET C 109 -12.93 -6.33 6.92
C MET C 109 -13.33 -7.78 7.14
N GLU C 110 -14.33 -8.04 7.98
CA GLU C 110 -14.75 -9.43 8.22
C GLU C 110 -15.71 -9.91 7.14
N GLY C 111 -16.89 -9.30 7.06
CA GLY C 111 -17.91 -9.67 6.09
C GLY C 111 -18.19 -11.16 5.99
N ILE C 112 -18.42 -11.81 7.12
CA ILE C 112 -18.61 -13.26 7.16
C ILE C 112 -19.97 -13.56 7.77
N GLY C 113 -20.73 -14.43 7.08
CA GLY C 113 -21.99 -14.93 7.63
C GLY C 113 -22.99 -13.83 7.89
N TYR C 114 -23.35 -13.66 9.17
CA TYR C 114 -24.35 -12.68 9.55
C TYR C 114 -23.94 -11.26 9.16
N SER C 115 -22.63 -11.00 9.11
CA SER C 115 -22.17 -9.68 8.67
C SER C 115 -22.50 -9.43 7.21
N LYS C 116 -22.66 -10.48 6.41
CA LYS C 116 -23.12 -10.30 5.05
C LYS C 116 -24.60 -9.95 5.00
N VAL C 117 -25.38 -10.38 5.99
CA VAL C 117 -26.79 -10.01 6.06
C VAL C 117 -26.92 -8.52 6.39
N VAL C 118 -26.19 -8.05 7.41
CA VAL C 118 -26.29 -6.66 7.81
C VAL C 118 -25.83 -5.74 6.69
N GLU C 119 -24.87 -6.19 5.88
CA GLU C 119 -24.44 -5.38 4.74
C GLU C 119 -25.55 -5.26 3.71
N ASN C 120 -26.22 -6.37 3.40
CA ASN C 120 -27.34 -6.31 2.46
C ASN C 120 -28.47 -5.45 3.00
N ASN C 121 -28.73 -5.54 4.30
CA ASN C 121 -29.71 -4.64 4.92
C ASN C 121 -29.26 -3.18 4.84
N LEU C 122 -27.97 -2.93 5.10
CA LEU C 122 -27.46 -1.57 5.00
C LEU C 122 -27.48 -1.06 3.56
N ARG C 123 -27.22 -1.96 2.60
CA ARG C 123 -27.32 -1.56 1.19
C ARG C 123 -28.75 -1.19 0.82
N SER C 124 -29.74 -1.91 1.38
CA SER C 124 -31.13 -1.64 1.05
C SER C 124 -31.63 -0.33 1.67
N ILE C 125 -31.00 0.14 2.73
CA ILE C 125 -31.44 1.39 3.36
C ILE C 125 -30.89 2.59 2.61
N PHE C 126 -29.58 2.60 2.42
CA PHE C 126 -28.94 3.73 1.72
C PHE C 126 -28.79 3.43 0.22
N GLY C 127 -28.87 2.16 -0.17
CA GLY C 127 -28.72 1.78 -1.59
C GLY C 127 -27.28 1.46 -2.01
N THR C 128 -27.10 1.05 -3.27
CA THR C 128 -25.79 0.65 -3.85
C THR C 128 -25.19 1.73 -4.74
N ASP C 129 -25.76 2.94 -4.74
CA ASP C 129 -25.27 4.01 -5.64
C ASP C 129 -23.88 4.52 -5.23
N GLU C 130 -23.21 5.22 -6.14
CA GLU C 130 -21.81 5.65 -5.91
C GLU C 130 -21.73 6.51 -4.65
N LYS C 131 -22.65 7.44 -4.46
CA LYS C 131 -22.57 8.31 -3.26
C LYS C 131 -23.20 7.62 -2.05
N ALA C 132 -23.95 6.53 -2.24
CA ALA C 132 -24.58 5.95 -1.08
C ALA C 132 -23.58 5.73 0.05
N GLN C 133 -22.39 5.22 -0.28
CA GLN C 133 -21.38 4.97 0.74
C GLN C 133 -20.97 6.26 1.45
N GLN C 134 -21.03 7.38 0.75
CA GLN C 134 -20.75 8.67 1.39
C GLN C 134 -21.89 9.09 2.30
N ARG C 135 -23.12 8.67 1.98
CA ARG C 135 -24.26 8.96 2.85
C ARG C 135 -24.23 8.12 4.12
N ARG C 136 -23.74 6.87 4.01
CA ARG C 136 -23.57 6.05 5.21
C ARG C 136 -22.45 6.58 6.09
N LYS C 137 -21.44 7.21 5.51
CA LYS C 137 -20.34 7.76 6.30
C LYS C 137 -20.80 8.97 7.11
N GLN C 138 -21.69 9.80 6.56
CA GLN C 138 -22.18 10.94 7.31
C GLN C 138 -23.25 10.53 8.32
N TRP C 139 -24.06 9.51 7.99
CA TRP C 139 -25.02 8.98 8.95
C TRP C 139 -24.33 8.46 10.20
N TRP C 140 -23.17 7.82 10.02
CA TRP C 140 -22.44 7.30 11.18
C TRP C 140 -21.88 8.44 12.03
N ASN C 141 -21.44 9.53 11.40
CA ASN C 141 -20.82 10.61 12.17
C ASN C 141 -21.84 11.34 13.03
N GLU C 142 -23.06 11.51 12.52
CA GLU C 142 -24.12 12.13 13.30
C GLU C 142 -24.77 11.17 14.29
N SER C 143 -24.42 9.88 14.23
CA SER C 143 -24.99 8.88 15.13
C SER C 143 -23.99 8.26 16.09
N LYS C 144 -22.69 8.35 15.80
CA LYS C 144 -21.70 7.59 16.56
C LYS C 144 -21.72 7.94 18.04
N ALA C 145 -21.91 9.23 18.36
CA ALA C 145 -21.95 9.63 19.77
C ALA C 145 -23.12 8.98 20.48
N GLN C 146 -24.29 8.95 19.86
CA GLN C 146 -25.44 8.28 20.45
C GLN C 146 -25.20 6.77 20.59
N ILE C 147 -24.45 6.18 19.64
CA ILE C 147 -24.15 4.76 19.74
C ILE C 147 -23.17 4.49 20.88
N TRP C 148 -22.24 5.43 21.11
CA TRP C 148 -21.27 5.23 22.20
C TRP C 148 -21.95 5.27 23.57
N THR C 149 -22.88 6.22 23.77
CA THR C 149 -23.58 6.32 25.05
C THR C 149 -24.42 5.08 25.30
N ALA C 150 -25.07 4.55 24.26
CA ALA C 150 -25.84 3.33 24.40
C ALA C 150 -24.96 2.19 24.91
N MET C 151 -23.72 2.12 24.44
CA MET C 151 -22.78 1.11 24.91
C MET C 151 -22.41 1.30 26.38
N MET C 152 -22.60 2.51 26.92
CA MET C 152 -22.32 2.80 28.32
C MET C 152 -23.60 2.84 29.14
N TYR C 153 -24.74 2.46 28.56
CA TYR C 153 -26.01 2.50 29.25
C TYR C 153 -26.08 1.48 30.38
N SER C 154 -25.42 0.33 30.22
CA SER C 154 -25.42 -0.68 31.28
C SER C 154 -24.62 -0.23 32.50
N VAL C 155 -23.50 0.45 32.28
CA VAL C 155 -22.72 0.98 33.41
C VAL C 155 -23.53 2.03 34.16
N LYS C 156 -24.26 2.87 33.43
CA LYS C 156 -25.08 3.91 34.06
C LYS C 156 -26.18 3.32 34.92
N LYS C 157 -26.70 2.15 34.53
CA LYS C 157 -27.79 1.54 35.27
C LYS C 157 -27.32 0.92 36.59
N ARG C 158 -26.06 0.53 36.67
CA ARG C 158 -25.55 -0.21 37.83
C ARG C 158 -24.79 0.67 38.83
N LEU C 159 -24.32 1.84 38.41
CA LEU C 159 -23.54 2.70 39.29
C LEU C 159 -24.43 3.37 40.32
N LYS C 160 -24.11 3.19 41.61
CA LYS C 160 -24.96 3.74 42.68
C LYS C 160 -25.05 5.26 42.63
N GLY C 161 -23.97 5.93 42.24
CA GLY C 161 -23.91 7.37 42.32
C GLY C 161 -24.38 8.01 41.04
N ASN C 162 -23.93 9.24 40.81
CA ASN C 162 -24.33 9.94 39.61
C ASN C 162 -23.69 9.28 38.40
N PHE C 163 -22.36 9.38 38.29
CA PHE C 163 -21.56 8.73 37.26
C PHE C 163 -20.10 9.11 37.51
N ILE C 164 -19.18 8.48 36.78
CA ILE C 164 -17.76 8.72 37.00
C ILE C 164 -17.09 9.27 35.74
N TRP C 165 -17.60 8.84 34.58
CA TRP C 165 -16.96 9.14 33.28
CA TRP C 165 -17.24 9.42 33.28
C TRP C 165 -15.46 8.84 33.30
N ILE C 166 -15.10 7.56 33.42
CA ILE C 166 -13.70 7.21 33.21
C ILE C 166 -13.40 7.02 31.73
N CYS C 167 -14.40 6.64 30.94
CA CYS C 167 -14.24 6.52 29.50
C CYS C 167 -14.39 7.87 28.82
N LYS C 168 -13.73 8.03 27.67
CA LYS C 168 -13.68 9.29 26.94
C LYS C 168 -14.38 9.13 25.61
N LEU C 169 -15.37 10.00 25.34
CA LEU C 169 -16.17 9.86 24.12
C LEU C 169 -15.35 10.15 22.86
N ASN C 170 -14.57 11.24 22.86
CA ASN C 170 -13.94 11.69 21.62
C ASN C 170 -12.92 10.68 21.11
N VAL C 171 -12.12 10.10 22.02
CA VAL C 171 -11.11 9.14 21.59
C VAL C 171 -11.76 7.86 21.07
N ALA C 172 -12.92 7.50 21.61
CA ALA C 172 -13.62 6.31 21.13
C ALA C 172 -14.33 6.60 19.81
N VAL C 173 -14.93 7.79 19.69
CA VAL C 173 -15.69 8.15 18.50
C VAL C 173 -14.79 8.51 17.32
N ASN C 174 -13.51 8.78 17.58
CA ASN C 174 -12.61 9.19 16.51
C ASN C 174 -12.45 8.09 15.48
N ILE C 175 -12.64 8.45 14.21
CA ILE C 175 -12.65 7.48 13.13
C ILE C 175 -11.23 7.20 12.65
N GLU C 176 -10.79 5.96 12.82
CA GLU C 176 -9.57 5.42 12.24
C GLU C 176 -9.94 4.29 11.28
N PRO C 177 -9.03 3.92 10.37
CA PRO C 177 -9.24 2.67 9.63
C PRO C 177 -9.28 1.49 10.58
N GLN C 178 -10.09 0.48 10.21
CA GLN C 178 -10.27 -0.67 11.09
C GLN C 178 -8.93 -1.34 11.43
N ILE C 179 -8.04 -1.47 10.44
CA ILE C 179 -6.76 -2.11 10.69
C ILE C 179 -5.96 -1.35 11.75
N TYR C 180 -6.08 -0.02 11.77
CA TYR C 180 -5.43 0.78 12.80
C TYR C 180 -5.85 0.33 14.19
N ARG C 181 -7.16 0.34 14.46
CA ARG C 181 -7.65 -0.02 15.79
C ARG C 181 -7.30 -1.45 16.15
N TRP C 182 -7.38 -2.37 15.18
CA TRP C 182 -7.10 -3.77 15.46
C TRP C 182 -5.64 -3.98 15.86
N ILE C 183 -4.73 -3.15 15.33
CA ILE C 183 -3.34 -3.21 15.75
C ILE C 183 -3.19 -2.73 17.19
N ARG C 184 -3.95 -1.68 17.55
CA ARG C 184 -3.98 -1.23 18.95
C ARG C 184 -4.46 -2.35 19.87
N GLU C 185 -5.53 -3.03 19.46
CA GLU C 185 -6.07 -4.12 20.25
C GLU C 185 -5.10 -5.29 20.33
N TRP C 186 -4.54 -5.69 19.19
CA TRP C 186 -3.58 -6.79 19.17
C TRP C 186 -2.35 -6.47 20.02
N GLY C 187 -1.92 -5.21 20.01
CA GLY C 187 -0.78 -4.83 20.82
C GLY C 187 -1.05 -4.96 22.30
N ARG C 188 -2.20 -4.45 22.76
CA ARG C 188 -2.60 -4.62 24.15
C ARG C 188 -2.77 -6.09 24.49
N ASP C 189 -3.30 -6.88 23.54
CA ASP C 189 -3.41 -8.31 23.76
C ASP C 189 -2.04 -8.97 23.88
N TYR C 190 -1.08 -8.52 23.08
CA TYR C 190 0.24 -9.14 23.08
C TYR C 190 1.00 -8.82 24.37
N VAL C 191 1.02 -7.55 24.77
CA VAL C 191 1.77 -7.15 25.95
C VAL C 191 1.19 -7.74 27.23
N SER C 192 -0.05 -8.22 27.19
CA SER C 192 -0.62 -8.91 28.34
C SER C 192 -0.30 -10.41 28.32
N GLU C 193 -0.32 -11.03 27.15
CA GLU C 193 0.02 -12.44 27.05
C GLU C 193 1.51 -12.70 27.22
N LEU C 194 2.35 -11.68 27.00
CA LEU C 194 3.80 -11.91 27.04
C LEU C 194 4.31 -12.20 28.44
N PRO C 195 4.02 -11.40 29.47
CA PRO C 195 4.49 -11.77 30.82
C PRO C 195 3.96 -13.12 31.29
N THR C 196 2.70 -13.44 30.98
CA THR C 196 2.16 -14.74 31.36
C THR C 196 2.92 -15.89 30.72
N GLU C 197 3.59 -15.64 29.59
CA GLU C 197 4.36 -16.68 28.91
C GLU C 197 5.79 -16.76 29.44
N VAL C 198 6.41 -15.62 29.77
CA VAL C 198 7.73 -15.64 30.37
C VAL C 198 7.68 -16.16 31.80
N GLN C 199 6.53 -16.05 32.46
CA GLN C 199 6.39 -16.60 33.81
C GLN C 199 6.21 -18.12 33.78
N LYS C 200 5.61 -18.66 32.72
CA LYS C 200 5.51 -20.10 32.56
C LYS C 200 6.88 -20.68 32.17
N CYS C 222 11.00 -28.83 30.81
CA CYS C 222 11.35 -27.57 30.20
C CYS C 222 11.30 -27.69 28.68
N GLN C 223 11.29 -28.94 28.19
CA GLN C 223 11.08 -29.18 26.77
C GLN C 223 9.64 -28.92 26.35
N ASN C 224 8.71 -28.92 27.30
CA ASN C 224 7.32 -28.61 26.99
C ASN C 224 7.08 -27.10 26.95
N ALA C 225 7.67 -26.35 27.88
CA ALA C 225 7.47 -24.90 27.92
C ALA C 225 8.08 -24.21 26.71
N CYS C 226 9.18 -24.73 26.17
CA CYS C 226 9.78 -24.14 24.99
C CYS C 226 9.03 -24.53 23.72
N LYS C 227 8.50 -25.75 23.66
CA LYS C 227 7.65 -26.15 22.55
C LYS C 227 6.28 -25.47 22.59
N SER C 228 5.90 -24.86 23.71
CA SER C 228 4.66 -24.11 23.80
C SER C 228 4.87 -22.62 23.51
N TYR C 229 5.93 -22.03 24.05
CA TYR C 229 6.20 -20.61 23.79
C TYR C 229 6.49 -20.37 22.31
N ASP C 230 7.38 -21.18 21.72
CA ASP C 230 7.77 -20.93 20.34
C ASP C 230 6.66 -21.25 19.35
N GLN C 231 5.62 -21.94 19.78
CA GLN C 231 4.41 -22.08 18.96
C GLN C 231 3.41 -20.97 19.24
N TRP C 232 3.48 -20.35 20.42
CA TRP C 232 2.67 -19.17 20.68
C TRP C 232 3.23 -17.97 19.94
N ILE C 233 4.55 -17.75 20.04
CA ILE C 233 5.18 -16.61 19.39
C ILE C 233 5.13 -16.75 17.87
N THR C 234 5.07 -17.97 17.34
CA THR C 234 4.94 -18.14 15.90
C THR C 234 3.59 -17.61 15.42
N ARG C 235 2.53 -17.86 16.19
CA ARG C 235 1.26 -17.22 15.90
C ARG C 235 1.35 -15.72 16.08
N LYS C 236 2.07 -15.27 17.12
CA LYS C 236 2.25 -13.84 17.32
C LYS C 236 3.00 -13.19 16.16
N LYS C 237 4.03 -13.87 15.64
CA LYS C 237 4.71 -13.35 14.47
C LYS C 237 3.82 -13.40 13.23
N ASN C 238 3.19 -14.55 12.98
CA ASN C 238 2.33 -14.69 11.81
C ASN C 238 1.16 -13.70 11.87
N GLN C 239 0.62 -13.46 13.07
CA GLN C 239 -0.42 -12.45 13.22
C GLN C 239 0.12 -11.07 12.90
N TRP C 240 1.25 -10.69 13.51
CA TRP C 240 1.83 -9.37 13.26
C TRP C 240 2.21 -9.17 11.80
N ASP C 241 2.65 -10.24 11.13
CA ASP C 241 3.00 -10.12 9.72
C ASP C 241 1.79 -9.76 8.88
N VAL C 242 0.64 -10.38 9.16
CA VAL C 242 -0.55 -10.13 8.36
C VAL C 242 -1.13 -8.75 8.67
N LEU C 243 -1.11 -8.35 9.95
CA LEU C 243 -1.65 -7.04 10.32
C LEU C 243 -0.79 -5.91 9.78
N SER C 244 0.53 -5.97 10.00
CA SER C 244 1.41 -4.90 9.57
C SER C 244 1.42 -4.75 8.05
N ASN C 245 1.24 -5.85 7.31
CA ASN C 245 1.12 -5.74 5.87
C ASN C 245 -0.24 -5.18 5.47
N LYS C 246 -1.30 -5.59 6.18
CA LYS C 246 -2.62 -5.00 5.94
C LYS C 246 -2.61 -3.51 6.25
N PHE C 247 -1.84 -3.10 7.27
CA PHE C 247 -1.72 -1.68 7.59
C PHE C 247 -1.16 -0.89 6.40
N ILE C 248 -0.07 -1.37 5.83
CA ILE C 248 0.59 -0.64 4.74
C ILE C 248 -0.29 -0.58 3.51
N SER C 249 -0.95 -1.69 3.17
CA SER C 249 -1.81 -1.70 1.99
C SER C 249 -3.02 -0.79 2.18
N VAL C 250 -3.53 -0.68 3.40
CA VAL C 250 -4.64 0.23 3.66
C VAL C 250 -4.14 1.67 3.66
N LYS C 251 -2.99 1.90 4.28
CA LYS C 251 -2.41 3.25 4.32
C LYS C 251 -2.17 3.80 2.91
N ASN C 252 -1.78 2.94 1.98
CA ASN C 252 -1.44 3.40 0.63
C ASN C 252 -2.67 3.73 -0.19
N ALA C 253 -3.66 2.83 -0.21
CA ALA C 253 -4.85 3.01 -1.05
C ALA C 253 -5.66 4.23 -0.62
N THR C 258 -2.83 10.30 8.69
CA THR C 258 -2.66 10.97 9.97
C THR C 258 -1.20 11.30 10.23
N ALA C 259 -0.96 12.47 10.82
CA ALA C 259 0.39 12.85 11.20
C ALA C 259 0.87 12.02 12.38
N GLY C 260 2.17 11.79 12.44
CA GLY C 260 2.79 10.98 13.47
C GLY C 260 2.53 9.50 13.36
N ILE C 261 1.85 9.04 12.31
CA ILE C 261 1.64 7.62 12.06
C ILE C 261 2.07 7.37 10.63
N VAL C 262 3.21 6.69 10.45
CA VAL C 262 3.69 6.29 9.12
C VAL C 262 3.90 4.79 9.03
N THR C 263 4.59 4.21 10.00
CA THR C 263 4.82 2.78 10.08
C THR C 263 3.77 2.12 10.97
N PRO C 264 3.55 0.81 10.82
CA PRO C 264 2.64 0.12 11.74
C PRO C 264 3.16 0.06 13.16
N TYR C 265 4.45 0.34 13.38
CA TYR C 265 5.01 0.40 14.72
C TYR C 265 4.65 1.68 15.45
N ASP C 266 4.36 2.76 14.72
CA ASP C 266 3.91 3.99 15.36
C ASP C 266 2.62 3.77 16.14
N ILE C 267 1.77 2.86 15.68
CA ILE C 267 0.56 2.52 16.42
C ILE C 267 0.93 1.89 17.75
N LEU C 268 1.88 0.96 17.73
CA LEU C 268 2.32 0.33 18.97
C LEU C 268 3.05 1.32 19.86
N LYS C 269 3.80 2.25 19.26
CA LYS C 269 4.44 3.30 20.05
C LYS C 269 3.39 4.17 20.74
N GLN C 270 2.28 4.45 20.06
CA GLN C 270 1.20 5.22 20.66
C GLN C 270 0.47 4.42 21.73
N GLU C 271 0.03 3.20 21.38
CA GLU C 271 -0.89 2.47 22.23
C GLU C 271 -0.21 1.88 23.46
N LEU C 272 1.07 1.53 23.36
CA LEU C 272 1.73 0.78 24.41
C LEU C 272 2.64 1.67 25.24
N PHE C 275 7.19 1.75 24.29
CA PHE C 275 7.37 0.65 23.35
C PHE C 275 8.65 0.83 22.55
N ASN C 276 9.53 -0.17 22.62
CA ASN C 276 10.79 -0.18 21.89
C ASN C 276 10.65 -1.10 20.68
N GLU C 277 10.85 -0.55 19.48
CA GLU C 277 10.64 -1.31 18.25
C GLU C 277 11.61 -2.47 18.13
N VAL C 278 12.83 -2.32 18.64
CA VAL C 278 13.82 -3.40 18.55
C VAL C 278 13.37 -4.62 19.34
N ALA C 279 13.02 -4.42 20.62
CA ALA C 279 12.65 -5.54 21.47
C ALA C 279 11.45 -6.31 20.92
N PHE C 280 10.50 -5.60 20.30
CA PHE C 280 9.32 -6.27 19.76
C PHE C 280 9.70 -7.18 18.59
N GLU C 281 10.46 -6.64 17.62
CA GLU C 281 10.90 -7.45 16.50
C GLU C 281 11.77 -8.62 16.96
N ASN C 282 12.53 -8.43 18.03
CA ASN C 282 13.27 -9.55 18.61
C ASN C 282 12.31 -10.58 19.20
N GLU C 283 11.37 -10.14 20.04
CA GLU C 283 10.42 -11.05 20.66
C GLU C 283 9.67 -11.87 19.62
N ILE C 284 9.12 -11.21 18.59
CA ILE C 284 8.36 -11.93 17.58
C ILE C 284 9.23 -12.85 16.75
N ASN C 285 10.54 -12.57 16.67
CA ASN C 285 11.47 -13.39 15.91
C ASN C 285 12.34 -14.30 16.80
N LYS C 286 12.02 -14.41 18.09
CA LYS C 286 12.75 -15.28 19.01
C LYS C 286 14.23 -14.92 19.10
N ARG C 287 14.58 -13.67 18.80
CA ARG C 287 15.96 -13.21 18.87
C ARG C 287 16.35 -12.63 20.22
N ASP C 288 15.38 -12.23 21.04
CA ASP C 288 15.57 -11.76 22.40
C ASP C 288 16.19 -12.82 23.28
N GLY C 289 16.52 -12.46 24.51
CA GLY C 289 17.12 -13.39 25.43
C GLY C 289 16.14 -14.45 25.88
N ALA C 290 15.66 -15.27 24.92
CA ALA C 290 14.71 -16.33 25.24
C ALA C 290 15.26 -17.34 26.24
N TYR C 291 16.51 -17.78 26.04
CA TYR C 291 17.12 -18.82 26.90
C TYR C 291 16.29 -20.11 26.89
N VAL D 6 -38.67 23.89 25.79
CA VAL D 6 -39.73 23.50 24.87
C VAL D 6 -41.03 23.30 25.64
N GLN D 7 -42.11 23.87 25.11
CA GLN D 7 -43.39 23.86 25.80
C GLN D 7 -44.45 23.39 24.83
N LEU D 8 -45.22 22.38 25.24
CA LEU D 8 -46.33 21.85 24.49
C LEU D 8 -47.63 22.32 25.13
N GLN D 9 -48.69 22.35 24.32
CA GLN D 9 -50.02 22.68 24.83
C GLN D 9 -51.04 22.16 23.85
N GLU D 10 -51.96 21.34 24.33
CA GLU D 10 -53.05 20.85 23.50
C GLU D 10 -54.15 21.90 23.39
N SER D 11 -54.94 21.79 22.33
CA SER D 11 -56.10 22.65 22.13
C SER D 11 -57.15 21.87 21.36
N GLY D 12 -58.36 21.81 21.89
CA GLY D 12 -59.42 21.05 21.27
C GLY D 12 -60.79 21.50 21.73
N PRO D 13 -61.83 20.84 21.23
CA PRO D 13 -63.20 21.31 21.51
C PRO D 13 -63.58 21.22 22.98
N GLY D 14 -63.16 20.16 23.67
CA GLY D 14 -63.57 19.90 25.03
C GLY D 14 -64.87 19.15 25.14
N LEU D 15 -65.79 19.37 24.19
CA LEU D 15 -67.05 18.64 24.12
C LEU D 15 -67.30 18.24 22.68
N VAL D 16 -67.66 16.98 22.47
CA VAL D 16 -67.89 16.44 21.13
C VAL D 16 -69.11 15.55 21.19
N LYS D 17 -70.05 15.76 20.28
CA LYS D 17 -71.23 14.91 20.22
C LYS D 17 -70.85 13.54 19.63
N PRO D 18 -71.43 12.46 20.16
CA PRO D 18 -70.97 11.12 19.77
C PRO D 18 -71.05 10.88 18.27
N SER D 19 -70.26 9.90 17.82
CA SER D 19 -70.14 9.50 16.41
C SER D 19 -69.44 10.56 15.55
N GLN D 20 -69.14 11.72 16.12
CA GLN D 20 -68.43 12.75 15.37
C GLN D 20 -66.94 12.48 15.48
N THR D 21 -66.11 13.43 15.05
CA THR D 21 -64.67 13.25 15.04
C THR D 21 -64.04 14.31 15.93
N LEU D 22 -63.27 13.87 16.92
CA LEU D 22 -62.56 14.79 17.80
C LEU D 22 -61.27 15.24 17.14
N SER D 23 -60.97 16.53 17.25
CA SER D 23 -59.78 17.10 16.65
C SER D 23 -58.99 17.83 17.73
N LEU D 24 -57.74 17.44 17.91
CA LEU D 24 -56.84 18.06 18.86
C LEU D 24 -55.58 18.50 18.14
N THR D 25 -54.87 19.43 18.76
CA THR D 25 -53.66 20.00 18.16
C THR D 25 -52.66 20.29 19.26
N CYS D 26 -51.45 19.79 19.10
CA CYS D 26 -50.37 20.04 20.04
C CYS D 26 -49.55 21.20 19.50
N ASN D 27 -49.56 22.31 20.22
CA ASN D 27 -48.79 23.48 19.84
C ASN D 27 -47.45 23.44 20.55
N VAL D 28 -46.38 23.32 19.76
CA VAL D 28 -45.02 23.29 20.30
C VAL D 28 -44.45 24.69 20.17
N SER D 29 -43.74 25.12 21.21
CA SER D 29 -43.13 26.44 21.23
C SER D 29 -41.67 26.31 21.64
N GLY D 30 -40.89 27.30 21.26
CA GLY D 30 -39.45 27.28 21.47
C GLY D 30 -38.73 26.56 20.31
N ASP D 31 -38.15 25.40 20.61
CA ASP D 31 -37.43 24.62 19.60
C ASP D 31 -38.37 24.21 18.46
N SER D 32 -37.75 23.80 17.36
CA SER D 32 -38.47 23.36 16.18
C SER D 32 -38.73 21.86 16.24
N ILE D 33 -39.95 21.47 15.84
CA ILE D 33 -40.30 20.06 15.78
C ILE D 33 -39.63 19.37 14.61
N ASN D 34 -39.10 20.15 13.66
CA ASN D 34 -38.49 19.62 12.45
C ASN D 34 -37.10 19.09 12.79
N SER D 35 -37.10 17.95 13.48
CA SER D 35 -35.86 17.33 13.94
C SER D 35 -36.10 15.85 14.17
N GLY D 36 -35.14 15.04 13.78
CA GLY D 36 -35.17 13.61 14.03
C GLY D 36 -34.79 13.19 15.42
N ASP D 37 -34.45 14.15 16.29
CA ASP D 37 -34.00 13.84 17.64
C ASP D 37 -35.13 13.38 18.55
N TYR D 38 -36.38 13.47 18.13
CA TYR D 38 -37.49 13.29 19.06
C TYR D 38 -38.66 12.55 18.41
N TYR D 39 -39.36 11.78 19.23
CA TYR D 39 -40.71 11.31 18.94
C TYR D 39 -41.73 12.33 19.40
N TRP D 40 -42.86 12.38 18.71
CA TRP D 40 -43.99 13.22 19.10
C TRP D 40 -45.19 12.32 19.33
N ILE D 41 -45.66 12.27 20.57
CA ILE D 41 -46.53 11.21 21.05
C ILE D 41 -47.85 11.81 21.53
N TRP D 42 -48.92 11.04 21.38
CA TRP D 42 -50.21 11.38 21.95
C TRP D 42 -50.57 10.36 23.03
N ILE D 43 -51.00 10.87 24.18
CA ILE D 43 -51.39 10.04 25.31
C ILE D 43 -52.76 10.48 25.77
N ARG D 44 -53.63 9.53 26.08
CA ARG D 44 -54.93 9.84 26.67
C ARG D 44 -55.09 9.10 27.99
N GLN D 45 -55.96 9.64 28.83
CA GLN D 45 -56.20 9.10 30.16
C GLN D 45 -57.67 9.29 30.52
N PRO D 46 -58.46 8.23 30.51
CA PRO D 46 -59.85 8.37 30.96
C PRO D 46 -59.88 8.85 32.40
N PRO D 47 -60.91 9.62 32.76
CA PRO D 47 -61.00 10.11 34.15
C PRO D 47 -61.03 8.95 35.14
N GLY D 48 -60.09 8.99 36.09
CA GLY D 48 -59.96 7.96 37.09
C GLY D 48 -59.13 6.76 36.69
N LYS D 49 -58.93 6.52 35.40
CA LYS D 49 -58.17 5.39 34.92
C LYS D 49 -56.73 5.81 34.62
N GLY D 50 -55.96 4.92 34.00
CA GLY D 50 -54.54 5.14 33.78
C GLY D 50 -54.20 5.76 32.45
N LEU D 51 -52.95 5.56 32.03
CA LEU D 51 -52.38 6.22 30.86
C LEU D 51 -52.37 5.25 29.68
N GLU D 52 -52.99 5.66 28.58
CA GLU D 52 -53.06 4.87 27.36
C GLU D 52 -52.27 5.57 26.27
N TRP D 53 -51.41 4.82 25.58
CA TRP D 53 -50.67 5.35 24.45
C TRP D 53 -51.54 5.35 23.20
N ILE D 54 -51.49 6.45 22.45
CA ILE D 54 -52.32 6.61 21.26
C ILE D 54 -51.48 6.36 20.01
N GLY D 55 -50.43 7.16 19.83
CA GLY D 55 -49.59 6.99 18.65
C GLY D 55 -48.44 7.96 18.67
N ASN D 56 -47.46 7.69 17.80
CA ASN D 56 -46.30 8.54 17.59
C ASN D 56 -46.33 9.10 16.18
N ILE D 57 -45.54 10.16 15.98
CA ILE D 57 -45.32 10.68 14.63
C ILE D 57 -43.89 11.22 14.57
N TYR D 58 -43.22 10.92 13.45
CA TYR D 58 -41.86 11.37 13.20
C TYR D 58 -41.90 12.56 12.24
N TYR D 59 -40.91 13.45 12.38
CA TYR D 59 -40.90 14.69 11.61
C TYR D 59 -40.94 14.44 10.10
N SER D 60 -40.56 13.25 9.64
CA SER D 60 -40.68 12.92 8.23
C SER D 60 -42.11 12.66 7.79
N GLY D 61 -43.07 12.65 8.72
CA GLY D 61 -44.48 12.45 8.40
C GLY D 61 -45.02 11.08 8.75
N THR D 62 -44.15 10.10 8.99
CA THR D 62 -44.61 8.76 9.35
C THR D 62 -45.27 8.77 10.73
N ALA D 63 -46.32 7.96 10.88
CA ALA D 63 -47.03 7.85 12.14
C ALA D 63 -47.58 6.44 12.30
N TYR D 64 -47.50 5.92 13.51
CA TYR D 64 -48.03 4.61 13.85
C TYR D 64 -48.85 4.72 15.13
N TYR D 65 -49.80 3.81 15.30
CA TYR D 65 -50.87 3.98 16.26
C TYR D 65 -51.01 2.75 17.15
N ASN D 66 -51.74 2.94 18.25
CA ASN D 66 -52.15 1.84 19.12
C ASN D 66 -52.97 0.83 18.32
N PRO D 67 -52.58 -0.43 18.27
CA PRO D 67 -53.33 -1.43 17.48
C PRO D 67 -54.80 -1.51 17.84
N SER D 68 -55.17 -1.22 19.09
CA SER D 68 -56.57 -1.30 19.49
C SER D 68 -57.41 -0.15 18.94
N LEU D 69 -56.78 0.92 18.44
CA LEU D 69 -57.49 2.08 17.95
C LEU D 69 -57.05 2.50 16.54
N LYS D 70 -56.33 1.63 15.83
CA LYS D 70 -55.67 2.02 14.58
C LYS D 70 -56.63 2.63 13.57
N THR D 71 -57.80 2.00 13.40
CA THR D 71 -58.71 2.42 12.33
C THR D 71 -59.35 3.78 12.57
N ARG D 72 -59.27 4.31 13.79
CA ARG D 72 -59.95 5.55 14.13
C ARG D 72 -58.99 6.69 14.50
N LEU D 73 -57.70 6.53 14.23
CA LEU D 73 -56.70 7.52 14.63
C LEU D 73 -55.97 8.05 13.41
N ILE D 74 -55.82 9.36 13.34
CA ILE D 74 -54.99 10.03 12.33
C ILE D 74 -54.15 11.07 13.05
N ILE D 75 -52.84 10.84 13.10
CA ILE D 75 -51.89 11.79 13.68
C ILE D 75 -51.08 12.38 12.53
N SER D 76 -51.17 13.69 12.37
CA SER D 76 -50.43 14.40 11.33
C SER D 76 -49.54 15.45 11.98
N ILE D 77 -48.48 15.82 11.26
CA ILE D 77 -47.51 16.78 11.74
C ILE D 77 -47.31 17.85 10.66
N ASP D 78 -47.02 19.07 11.10
CA ASP D 78 -46.69 20.18 10.21
C ASP D 78 -45.42 20.83 10.73
N THR D 79 -44.30 20.53 10.08
CA THR D 79 -43.03 21.14 10.49
C THR D 79 -43.01 22.64 10.23
N SER D 80 -43.80 23.09 9.26
CA SER D 80 -43.78 24.49 8.86
C SER D 80 -44.58 25.40 9.79
N THR D 81 -45.24 24.84 10.81
CA THR D 81 -45.89 25.66 11.84
C THR D 81 -45.65 25.13 13.25
N ASN D 82 -44.74 24.17 13.44
CA ASN D 82 -44.36 23.67 14.76
C ASN D 82 -45.57 23.16 15.55
N GLN D 83 -46.32 22.25 14.94
CA GLN D 83 -47.45 21.64 15.61
C GLN D 83 -47.72 20.27 15.01
N PHE D 84 -48.33 19.40 15.80
CA PHE D 84 -48.85 18.14 15.30
C PHE D 84 -50.20 17.88 15.94
N SER D 85 -51.04 17.12 15.25
CA SER D 85 -52.45 17.02 15.59
C SER D 85 -52.87 15.56 15.68
N LEU D 86 -53.93 15.33 16.44
CA LEU D 86 -54.56 14.04 16.58
C LEU D 86 -56.04 14.16 16.25
N LYS D 87 -56.56 13.20 15.50
CA LYS D 87 -57.97 13.16 15.15
C LYS D 87 -58.53 11.78 15.45
N VAL D 88 -59.61 11.72 16.23
CA VAL D 88 -60.28 10.49 16.60
C VAL D 88 -61.67 10.51 15.98
N THR D 89 -61.93 9.57 15.08
CA THR D 89 -63.17 9.57 14.30
C THR D 89 -64.20 8.65 14.94
N SER D 90 -65.47 8.96 14.71
CA SER D 90 -66.61 8.18 15.18
C SER D 90 -66.48 7.83 16.66
N VAL D 91 -66.32 8.88 17.47
CA VAL D 91 -66.05 8.69 18.89
C VAL D 91 -67.23 8.01 19.58
N THR D 92 -66.92 7.34 20.69
CA THR D 92 -67.92 6.73 21.56
C THR D 92 -67.70 7.25 22.97
N ALA D 93 -68.52 6.76 23.91
CA ALA D 93 -68.41 7.21 25.30
C ALA D 93 -67.07 6.81 25.92
N ALA D 94 -66.48 5.71 25.45
CA ALA D 94 -65.20 5.25 25.97
C ALA D 94 -64.04 6.14 25.55
N ASP D 95 -64.28 7.18 24.75
CA ASP D 95 -63.23 8.08 24.30
C ASP D 95 -63.14 9.35 25.15
N THR D 96 -64.04 9.52 26.12
CA THR D 96 -63.90 10.62 27.07
C THR D 96 -62.64 10.44 27.89
N ALA D 97 -61.74 11.43 27.82
CA ALA D 97 -60.44 11.32 28.47
C ALA D 97 -59.73 12.65 28.41
N ILE D 98 -58.71 12.80 29.27
CA ILE D 98 -57.75 13.88 29.15
C ILE D 98 -56.70 13.45 28.14
N TYR D 99 -56.46 14.28 27.13
CA TYR D 99 -55.53 13.97 26.07
C TYR D 99 -54.25 14.79 26.24
N TYR D 100 -53.12 14.09 26.35
CA TYR D 100 -51.82 14.72 26.48
C TYR D 100 -51.01 14.51 25.20
N CYS D 101 -50.27 15.52 24.79
CA CYS D 101 -49.18 15.34 23.84
C CYS D 101 -47.86 15.48 24.59
N ALA D 102 -46.85 14.77 24.10
CA ALA D 102 -45.58 14.69 24.80
C ALA D 102 -44.47 14.42 23.80
N ARG D 103 -43.24 14.49 24.29
CA ARG D 103 -42.05 14.32 23.48
C ARG D 103 -41.15 13.26 24.10
N ALA D 104 -40.53 12.45 23.24
CA ALA D 104 -39.59 11.43 23.68
C ALA D 104 -38.39 11.42 22.76
N SER D 105 -37.22 11.17 23.33
CA SER D 105 -35.98 11.17 22.57
C SER D 105 -35.87 9.91 21.71
N THR D 106 -35.18 10.04 20.58
CA THR D 106 -34.86 8.91 19.72
C THR D 106 -33.43 8.43 19.88
N THR D 107 -32.63 9.11 20.71
CA THR D 107 -31.19 8.91 20.75
C THR D 107 -30.71 8.15 21.98
N VAL D 108 -31.62 7.71 22.85
CA VAL D 108 -31.25 7.01 24.07
C VAL D 108 -31.81 5.60 24.03
N VAL D 109 -31.25 4.73 24.87
CA VAL D 109 -31.64 3.32 24.87
C VAL D 109 -33.12 3.17 25.21
N SER D 110 -33.53 3.75 26.34
CA SER D 110 -34.93 3.67 26.77
C SER D 110 -35.48 5.08 26.88
N PRO D 111 -36.20 5.56 25.87
CA PRO D 111 -36.75 6.91 25.94
C PRO D 111 -37.84 7.04 26.99
N TRP D 112 -37.95 8.25 27.53
CA TRP D 112 -39.02 8.63 28.44
C TRP D 112 -39.72 9.85 27.85
N LEU D 113 -40.80 10.28 28.50
CA LEU D 113 -41.58 11.41 28.03
C LEU D 113 -41.26 12.64 28.88
N ASP D 114 -40.70 13.66 28.24
CA ASP D 114 -40.40 14.94 28.85
C ASP D 114 -40.17 15.96 27.73
N PRO D 115 -40.91 17.07 27.69
CA PRO D 115 -42.02 17.43 28.59
C PRO D 115 -43.38 16.88 28.15
N TRP D 116 -44.38 17.10 28.98
CA TRP D 116 -45.78 16.84 28.67
C TRP D 116 -46.51 18.15 28.43
N GLY D 117 -47.60 18.08 27.68
CA GLY D 117 -48.55 19.17 27.64
C GLY D 117 -49.37 19.24 28.91
N GLN D 118 -50.06 20.36 29.09
CA GLN D 118 -50.93 20.51 30.25
C GLN D 118 -52.03 19.45 30.26
N GLY D 119 -52.50 19.05 29.08
CA GLY D 119 -53.59 18.09 29.00
C GLY D 119 -54.93 18.77 28.89
N THR D 120 -55.75 18.35 27.94
CA THR D 120 -57.09 18.91 27.75
C THR D 120 -58.11 17.79 27.86
N LEU D 121 -59.13 18.02 28.68
CA LEU D 121 -60.20 17.04 28.83
C LEU D 121 -61.18 17.15 27.66
N VAL D 122 -61.52 16.01 27.07
CA VAL D 122 -62.51 15.93 26.01
C VAL D 122 -63.60 14.98 26.48
N THR D 123 -64.85 15.46 26.43
CA THR D 123 -65.97 14.68 26.89
C THR D 123 -66.94 14.47 25.72
N VAL D 124 -67.53 13.29 25.65
CA VAL D 124 -68.52 12.97 24.62
C VAL D 124 -69.80 12.55 25.31
N SER D 125 -70.92 13.10 24.86
CA SER D 125 -72.18 12.87 25.53
C SER D 125 -72.98 11.75 24.87
N SER D 146 -46.76 -5.23 23.05
CA SER D 146 -47.34 -6.34 23.79
C SER D 146 -46.70 -6.50 25.18
N TYR D 147 -45.59 -5.80 25.40
CA TYR D 147 -44.90 -5.88 26.68
C TYR D 147 -45.75 -5.25 27.77
N GLU D 148 -45.90 -5.94 28.89
CA GLU D 148 -46.84 -5.58 29.93
C GLU D 148 -46.11 -5.24 31.23
N LEU D 149 -46.44 -4.08 31.80
CA LEU D 149 -45.95 -3.69 33.13
C LEU D 149 -47.07 -3.87 34.14
N THR D 150 -46.74 -4.46 35.28
CA THR D 150 -47.71 -4.78 36.33
C THR D 150 -47.30 -4.08 37.61
N GLN D 151 -48.15 -3.18 38.10
CA GLN D 151 -47.92 -2.50 39.38
C GLN D 151 -49.22 -2.49 40.17
N PRO D 152 -49.14 -2.50 41.50
CA PRO D 152 -50.35 -2.61 42.32
C PRO D 152 -51.17 -1.33 42.28
N SER D 153 -52.47 -1.49 42.56
CA SER D 153 -53.39 -0.36 42.50
C SER D 153 -53.16 0.65 43.62
N SER D 154 -52.73 0.18 44.80
CA SER D 154 -52.65 1.06 45.97
C SER D 154 -51.50 0.65 46.87
N VAL D 155 -50.81 1.65 47.41
CA VAL D 155 -49.84 1.48 48.49
C VAL D 155 -50.15 2.51 49.57
N ALA D 156 -50.19 2.07 50.83
CA ALA D 156 -50.54 2.93 51.96
C ALA D 156 -49.45 2.85 53.02
N VAL D 157 -48.81 3.99 53.30
CA VAL D 157 -47.75 4.07 54.29
C VAL D 157 -48.02 5.24 55.23
N ALA D 158 -47.42 5.17 56.41
CA ALA D 158 -47.54 6.23 57.40
C ALA D 158 -46.57 7.37 57.12
N PRO D 159 -46.86 8.58 57.61
CA PRO D 159 -45.93 9.69 57.40
C PRO D 159 -44.54 9.39 57.98
N GLY D 160 -43.52 9.84 57.26
CA GLY D 160 -42.14 9.62 57.65
C GLY D 160 -41.58 8.25 57.30
N GLN D 161 -42.44 7.28 56.99
CA GLN D 161 -41.99 5.94 56.66
C GLN D 161 -41.53 5.88 55.20
N THR D 162 -41.31 4.68 54.70
CA THR D 162 -40.78 4.46 53.36
C THR D 162 -41.81 3.76 52.49
N ALA D 163 -42.21 4.42 51.40
CA ALA D 163 -43.13 3.84 50.43
C ALA D 163 -42.34 3.15 49.33
N ARG D 164 -42.79 1.95 48.95
CA ARG D 164 -42.13 1.14 47.93
C ARG D 164 -43.16 0.75 46.88
N ILE D 165 -43.09 1.35 45.71
CA ILE D 165 -44.02 1.09 44.61
C ILE D 165 -43.37 0.07 43.68
N PRO D 166 -43.82 -1.17 43.65
CA PRO D 166 -43.22 -2.15 42.75
C PRO D 166 -43.81 -2.07 41.35
N CYS D 167 -42.97 -2.41 40.36
CA CYS D 167 -43.36 -2.44 38.96
C CYS D 167 -42.83 -3.72 38.35
N GLY D 168 -43.73 -4.60 37.93
CA GLY D 168 -43.37 -5.93 37.46
C GLY D 168 -43.33 -6.00 35.94
N GLY D 169 -42.29 -6.67 35.43
CA GLY D 169 -42.16 -6.89 34.00
C GLY D 169 -41.27 -8.08 33.73
N ASP D 170 -41.56 -8.80 32.65
CA ASP D 170 -40.76 -9.93 32.23
C ASP D 170 -39.34 -9.47 31.92
N ASN D 171 -38.39 -9.86 32.76
CA ASN D 171 -36.98 -9.47 32.61
C ASN D 171 -36.87 -7.95 32.51
N ILE D 172 -37.54 -7.26 33.44
CA ILE D 172 -37.61 -5.81 33.39
C ILE D 172 -36.25 -5.15 33.62
N GLU D 173 -35.28 -5.90 34.17
CA GLU D 173 -33.96 -5.31 34.41
C GLU D 173 -33.19 -5.05 33.12
N SER D 174 -33.54 -5.74 32.04
CA SER D 174 -32.92 -5.46 30.74
C SER D 174 -33.34 -4.11 30.19
N LYS D 175 -34.39 -3.50 30.73
CA LYS D 175 -34.89 -2.23 30.26
C LYS D 175 -34.60 -1.14 31.28
N GLY D 176 -34.70 0.11 30.83
CA GLY D 176 -34.63 1.26 31.70
C GLY D 176 -36.02 1.78 31.98
N VAL D 177 -36.42 1.71 33.24
CA VAL D 177 -37.77 2.06 33.65
C VAL D 177 -37.74 3.48 34.22
N HIS D 178 -38.80 4.23 33.93
CA HIS D 178 -38.94 5.60 34.41
C HIS D 178 -40.21 5.69 35.26
N TRP D 179 -40.28 6.74 36.07
CA TRP D 179 -41.37 6.88 37.03
C TRP D 179 -41.94 8.28 36.93
N TYR D 180 -43.27 8.36 36.88
CA TYR D 180 -43.99 9.63 36.83
C TYR D 180 -44.90 9.74 38.04
N GLN D 181 -44.95 10.93 38.62
CA GLN D 181 -45.86 11.25 39.69
C GLN D 181 -46.97 12.15 39.14
N GLN D 182 -48.22 11.75 39.35
CA GLN D 182 -49.36 12.50 38.87
C GLN D 182 -50.29 12.82 40.02
N LYS D 183 -50.32 14.08 40.43
CA LYS D 183 -51.32 14.56 41.37
C LYS D 183 -52.61 14.88 40.61
N PRO D 184 -53.77 14.82 41.28
CA PRO D 184 -55.03 14.97 40.55
C PRO D 184 -55.17 16.32 39.88
N GLY D 185 -55.65 16.32 38.64
CA GLY D 185 -55.80 17.52 37.86
C GLY D 185 -54.56 18.00 37.14
N GLN D 186 -53.42 17.37 37.37
CA GLN D 186 -52.15 17.77 36.76
C GLN D 186 -51.69 16.72 35.77
N ALA D 187 -50.78 17.15 34.89
CA ALA D 187 -50.13 16.20 34.01
C ALA D 187 -49.10 15.39 34.80
N PRO D 188 -48.75 14.20 34.32
CA PRO D 188 -47.70 13.43 35.00
C PRO D 188 -46.37 14.16 34.97
N VAL D 189 -45.55 13.89 35.98
CA VAL D 189 -44.27 14.56 36.17
C VAL D 189 -43.20 13.51 36.40
N LEU D 190 -42.15 13.54 35.59
CA LEU D 190 -41.06 12.57 35.71
C LEU D 190 -40.29 12.80 37.01
N VAL D 191 -40.13 11.73 37.80
CA VAL D 191 -39.43 11.84 39.07
C VAL D 191 -38.20 10.93 39.09
N VAL D 192 -38.22 9.85 38.31
CA VAL D 192 -37.09 8.93 38.19
C VAL D 192 -37.01 8.45 36.73
N TYR D 193 -35.78 8.36 36.21
CA TYR D 193 -35.55 7.80 34.89
C TYR D 193 -34.25 7.02 34.90
N ASP D 194 -34.12 6.10 33.93
CA ASP D 194 -32.96 5.22 33.83
C ASP D 194 -32.70 4.46 35.13
N ASP D 195 -33.81 4.07 35.78
CA ASP D 195 -33.89 3.21 36.95
C ASP D 195 -33.45 3.85 38.26
N HIS D 196 -32.65 4.93 38.22
CA HIS D 196 -32.32 5.60 39.47
C HIS D 196 -32.01 7.08 39.34
N ASP D 197 -32.10 7.67 38.15
CA ASP D 197 -31.74 9.07 37.98
C ASP D 197 -32.91 9.98 38.33
N ARG D 198 -32.61 11.08 39.00
CA ARG D 198 -33.60 12.07 39.35
C ARG D 198 -33.40 13.32 38.52
N PRO D 199 -34.44 13.87 37.90
CA PRO D 199 -34.34 15.21 37.33
C PRO D 199 -33.91 16.20 38.40
N SER D 200 -33.47 17.38 37.95
CA SER D 200 -32.84 18.33 38.85
C SER D 200 -33.77 18.71 40.01
N GLY D 201 -35.02 19.01 39.71
CA GLY D 201 -35.94 19.53 40.71
C GLY D 201 -36.49 18.54 41.70
N ILE D 202 -36.18 17.25 41.56
CA ILE D 202 -36.85 16.20 42.33
C ILE D 202 -36.09 15.97 43.63
N PRO D 203 -36.80 15.84 44.77
CA PRO D 203 -36.11 15.58 46.05
C PRO D 203 -35.36 14.27 46.03
N GLU D 204 -34.39 14.17 46.95
CA GLU D 204 -33.54 13.00 47.07
C GLU D 204 -34.26 11.80 47.69
N ARG D 205 -35.43 12.02 48.30
CA ARG D 205 -36.17 10.92 48.91
C ARG D 205 -36.66 9.92 47.86
N PHE D 206 -36.88 10.37 46.63
CA PHE D 206 -37.23 9.47 45.55
C PHE D 206 -35.99 8.74 45.06
N SER D 207 -36.03 7.41 45.08
CA SER D 207 -34.95 6.60 44.56
C SER D 207 -35.55 5.47 43.75
N GLY D 208 -34.71 4.85 42.94
CA GLY D 208 -35.16 3.81 42.03
C GLY D 208 -34.27 2.58 42.07
N SER D 209 -34.89 1.43 41.77
CA SER D 209 -34.19 0.17 41.69
C SER D 209 -34.77 -0.62 40.52
N ASN D 210 -33.97 -1.55 40.00
CA ASN D 210 -34.42 -2.41 38.90
C ASN D 210 -33.58 -3.68 38.92
N SER D 211 -34.19 -4.79 39.30
CA SER D 211 -33.49 -6.06 39.39
C SER D 211 -34.45 -7.20 39.11
N GLY D 212 -33.97 -8.20 38.36
CA GLY D 212 -34.80 -9.34 38.05
C GLY D 212 -36.03 -8.95 37.26
N ASN D 213 -37.20 -9.27 37.78
CA ASN D 213 -38.47 -8.97 37.14
C ASN D 213 -39.24 -7.88 37.84
N THR D 214 -38.60 -7.14 38.76
CA THR D 214 -39.28 -6.11 39.53
C THR D 214 -38.40 -4.87 39.62
N ALA D 215 -38.93 -3.75 39.15
CA ALA D 215 -38.36 -2.44 39.41
C ALA D 215 -39.17 -1.76 40.50
N THR D 216 -38.51 -1.00 41.36
CA THR D 216 -39.14 -0.47 42.57
C THR D 216 -38.85 1.02 42.70
N LEU D 217 -39.92 1.81 42.75
CA LEU D 217 -39.82 3.21 43.15
C LEU D 217 -39.90 3.30 44.67
N THR D 218 -38.87 3.87 45.28
CA THR D 218 -38.77 3.97 46.73
C THR D 218 -38.82 5.44 47.14
N VAL D 219 -39.86 5.80 47.88
CA VAL D 219 -40.00 7.15 48.44
C VAL D 219 -39.74 7.04 49.93
N SER D 220 -38.61 7.58 50.38
CA SER D 220 -38.28 7.61 51.79
C SER D 220 -38.86 8.87 52.44
N ARG D 221 -39.06 8.80 53.76
CA ARG D 221 -39.55 9.92 54.55
C ARG D 221 -40.78 10.56 53.89
N VAL D 222 -41.82 9.74 53.79
CA VAL D 222 -42.99 10.07 52.96
C VAL D 222 -43.71 11.26 53.57
N GLU D 223 -43.64 12.41 52.89
CA GLU D 223 -44.40 13.58 53.29
C GLU D 223 -45.85 13.44 52.84
N ALA D 224 -46.69 14.36 53.30
CA ALA D 224 -48.09 14.36 52.88
C ALA D 224 -48.24 14.77 51.42
N GLY D 225 -47.37 15.65 50.93
CA GLY D 225 -47.42 16.07 49.53
C GLY D 225 -47.11 14.98 48.54
N ASP D 226 -46.62 13.83 48.98
CA ASP D 226 -46.35 12.71 48.11
C ASP D 226 -47.60 11.95 47.69
N GLU D 227 -48.77 12.31 48.22
CA GLU D 227 -50.01 11.63 47.87
C GLU D 227 -50.32 11.88 46.39
N ALA D 228 -50.18 10.86 45.57
CA ALA D 228 -50.41 10.97 44.13
C ALA D 228 -50.42 9.57 43.54
N ASP D 229 -50.67 9.50 42.24
CA ASP D 229 -50.55 8.28 41.48
C ASP D 229 -49.17 8.20 40.85
N TYR D 230 -48.57 7.02 40.87
CA TYR D 230 -47.22 6.82 40.37
C TYR D 230 -47.26 5.76 39.27
N TYR D 231 -46.74 6.12 38.09
CA TYR D 231 -46.73 5.25 36.93
C TYR D 231 -45.28 4.92 36.57
N CYS D 232 -44.99 3.64 36.42
CA CYS D 232 -43.73 3.22 35.83
C CYS D 232 -43.89 3.13 34.33
N GLN D 233 -42.84 3.52 33.60
CA GLN D 233 -42.88 3.53 32.15
C GLN D 233 -41.63 2.87 31.60
N VAL D 234 -41.80 2.14 30.50
CA VAL D 234 -40.74 1.41 29.83
C VAL D 234 -40.95 1.57 28.34
N TRP D 235 -39.91 1.29 27.55
CA TRP D 235 -39.95 1.47 26.11
C TRP D 235 -40.02 0.11 25.42
N ASP D 236 -40.94 -0.01 24.46
CA ASP D 236 -41.09 -1.22 23.67
C ASP D 236 -40.11 -1.17 22.50
N THR D 237 -39.10 -2.04 22.54
CA THR D 237 -38.02 -1.99 21.57
C THR D 237 -38.38 -2.57 20.21
N SER D 238 -39.55 -3.19 20.08
CA SER D 238 -39.97 -3.79 18.81
C SER D 238 -40.85 -2.87 17.97
N SER D 239 -41.64 -2.00 18.61
CA SER D 239 -42.49 -1.06 17.87
C SER D 239 -42.34 0.38 18.34
N GLU D 240 -41.35 0.66 19.19
CA GLU D 240 -40.86 2.01 19.46
C GLU D 240 -41.98 2.92 19.98
N HIS D 241 -42.49 2.58 21.16
CA HIS D 241 -43.49 3.41 21.82
C HIS D 241 -43.43 3.14 23.32
N PRO D 242 -43.95 4.06 24.14
CA PRO D 242 -43.88 3.86 25.59
C PRO D 242 -44.89 2.84 26.10
N VAL D 243 -44.49 2.12 27.14
CA VAL D 243 -45.34 1.17 27.83
C VAL D 243 -45.49 1.64 29.28
N PHE D 244 -46.74 1.72 29.74
CA PHE D 244 -47.04 2.22 31.07
C PHE D 244 -47.59 1.11 31.96
N GLY D 245 -47.30 1.21 33.24
CA GLY D 245 -48.01 0.42 34.24
C GLY D 245 -49.39 0.98 34.48
N GLY D 246 -50.20 0.22 35.22
CA GLY D 246 -51.56 0.63 35.49
C GLY D 246 -51.69 1.80 36.45
N GLY D 247 -50.63 2.13 37.17
CA GLY D 247 -50.68 3.20 38.15
C GLY D 247 -50.81 2.66 39.56
N THR D 248 -50.28 3.42 40.52
CA THR D 248 -50.35 3.06 41.93
C THR D 248 -50.67 4.31 42.73
N LYS D 249 -51.80 4.29 43.44
CA LYS D 249 -52.17 5.41 44.30
C LYS D 249 -51.44 5.28 45.63
N LEU D 250 -50.71 6.32 46.01
CA LEU D 250 -49.99 6.38 47.28
C LEU D 250 -50.77 7.26 48.24
N THR D 251 -51.38 6.64 49.25
CA THR D 251 -52.13 7.36 50.26
C THR D 251 -51.31 7.44 51.55
N VAL D 252 -51.35 8.60 52.19
CA VAL D 252 -50.64 8.84 53.45
C VAL D 252 -51.63 8.69 54.60
N LEU D 253 -51.30 7.84 55.56
CA LEU D 253 -52.23 7.47 56.61
C LEU D 253 -52.25 8.51 57.74
#